data_4U4L
#
_entry.id   4U4L
#
_cell.length_a   46.570
_cell.length_b   69.023
_cell.length_c   69.646
_cell.angle_alpha   87.39
_cell.angle_beta   88.21
_cell.angle_gamma   76.75
#
_symmetry.space_group_name_H-M   'P 1'
#
loop_
_entity.id
_entity.type
_entity.pdbx_description
1 polymer 'Beta-lactamase NDM-1'
2 non-polymer 'ZINC ION'
3 non-polymer '(3R,5R,7aS)-5-(sulfanylmethyl)tetrahydro[1,3]thiazolo[4,3-b][1,3]thiazole-3-carboxylic acid'
4 non-polymer GLYCEROL
5 water water
#
_entity_poly.entity_id   1
_entity_poly.type   'polypeptide(L)'
_entity_poly.pdbx_seq_one_letter_code
;GPMPGEIRPTIGQQMETGDQRFGDLVFRQLAPNVWQHTSYLDMPGFGAVASNGLIVRDGGRVLVVDTAWTDDQTAQILNW
IKQEINLPVALAVVTHAHQDKMGGMDALHAAGIATYANALSNQLAPQEGMVAAQHSLTFAANGWVEPATAPNFGPLKVFY
PGPGHTSDNITVGIDGTDIAFGGCLIKDSKAKSLGNLGDADTEHYAASARAFGAAFPKASMIVMSHSAPDSRAAITHTAR
MADKLR
;
_entity_poly.pdbx_strand_id   A,B,C,D
#
loop_
_chem_comp.id
_chem_comp.type
_chem_comp.name
_chem_comp.formula
3C7 non-polymer '(3R,5R,7aS)-5-(sulfanylmethyl)tetrahydro[1,3]thiazolo[4,3-b][1,3]thiazole-3-carboxylic acid' 'C7 H11 N O2 S3'
GOL non-polymer GLYCEROL 'C3 H8 O3'
ZN non-polymer 'ZINC ION' 'Zn 2'
#
# COMPACT_ATOMS: atom_id res chain seq x y z
N MET A 15 -3.09 -7.55 -1.66
CA MET A 15 -3.64 -6.21 -1.80
C MET A 15 -2.98 -5.24 -0.82
N GLU A 16 -2.04 -4.45 -1.33
CA GLU A 16 -1.25 -3.54 -0.49
C GLU A 16 -1.99 -2.23 -0.21
N THR A 17 -1.52 -1.51 0.79
CA THR A 17 -2.04 -0.18 1.10
C THR A 17 -1.92 0.73 -0.13
N GLY A 18 -2.92 1.58 -0.33
CA GLY A 18 -2.93 2.45 -1.49
C GLY A 18 -3.64 1.83 -2.68
N ASP A 19 -4.09 0.59 -2.53
CA ASP A 19 -4.82 -0.10 -3.60
C ASP A 19 -6.32 0.13 -3.44
N GLN A 20 -7.01 0.27 -4.57
CA GLN A 20 -8.44 0.48 -4.56
C GLN A 20 -9.14 -0.76 -5.08
N ARG A 21 -10.27 -1.08 -4.50
CA ARG A 21 -11.05 -2.21 -4.96
C ARG A 21 -12.40 -1.77 -5.55
N PHE A 22 -12.77 -2.38 -6.67
CA PHE A 22 -14.07 -2.14 -7.30
C PHE A 22 -14.63 -3.51 -7.67
N GLY A 23 -15.68 -3.95 -6.97
CA GLY A 23 -16.14 -5.30 -7.17
C GLY A 23 -15.05 -6.32 -6.83
N ASP A 24 -14.70 -7.14 -7.83
CA ASP A 24 -13.68 -8.17 -7.69
C ASP A 24 -12.34 -7.70 -8.27
N LEU A 25 -12.27 -6.43 -8.66
CA LEU A 25 -11.07 -5.87 -9.26
C LEU A 25 -10.31 -5.02 -8.26
N VAL A 26 -8.99 -4.99 -8.43
CA VAL A 26 -8.10 -4.17 -7.62
C VAL A 26 -7.31 -3.24 -8.54
N PHE A 27 -7.17 -1.98 -8.14
CA PHE A 27 -6.45 -1.01 -8.95
C PHE A 27 -5.34 -0.36 -8.13
N ARG A 28 -4.16 -0.24 -8.74
CA ARG A 28 -3.05 0.42 -8.06
C ARG A 28 -2.49 1.50 -8.97
N GLN A 29 -2.48 2.75 -8.51
CA GLN A 29 -1.89 3.81 -9.31
C GLN A 29 -0.37 3.69 -9.26
N LEU A 30 0.24 3.66 -10.45
CA LEU A 30 1.68 3.45 -10.59
C LEU A 30 2.41 4.75 -10.89
N ALA A 31 1.69 5.65 -11.54
CA ALA A 31 2.18 6.97 -11.90
C ALA A 31 0.99 7.91 -12.04
N PRO A 32 1.23 9.22 -12.19
CA PRO A 32 0.12 10.19 -12.30
C PRO A 32 -0.92 9.80 -13.33
N ASN A 33 -0.49 9.18 -14.44
CA ASN A 33 -1.43 8.82 -15.49
C ASN A 33 -1.46 7.32 -15.82
N VAL A 34 -0.96 6.48 -14.92
CA VAL A 34 -0.94 5.03 -15.13
C VAL A 34 -1.40 4.24 -13.90
N TRP A 35 -2.33 3.31 -14.13
CA TRP A 35 -2.79 2.39 -13.11
C TRP A 35 -2.66 0.96 -13.57
N GLN A 36 -2.42 0.07 -12.60
CA GLN A 36 -2.45 -1.36 -12.87
C GLN A 36 -3.84 -1.91 -12.48
N HIS A 37 -4.46 -2.65 -13.39
CA HIS A 37 -5.68 -3.35 -13.04
C HIS A 37 -5.39 -4.83 -12.78
N THR A 38 -5.98 -5.37 -11.72
CA THR A 38 -5.77 -6.77 -11.35
C THR A 38 -7.10 -7.49 -11.21
N SER A 39 -7.22 -8.62 -11.88
CA SER A 39 -8.42 -9.45 -11.77
C SER A 39 -8.01 -10.85 -11.40
N TYR A 40 -8.95 -11.63 -10.85
CA TYR A 40 -8.63 -12.95 -10.31
C TYR A 40 -9.56 -14.02 -10.87
N LEU A 41 -9.01 -15.21 -11.05
CA LEU A 41 -9.83 -16.33 -11.48
C LEU A 41 -9.49 -17.49 -10.56
N ASP A 42 -10.55 -18.13 -10.09
CA ASP A 42 -10.43 -19.20 -9.13
C ASP A 42 -10.05 -20.50 -9.88
N MET A 43 -8.81 -20.93 -9.72
CA MET A 43 -8.37 -22.15 -10.37
C MET A 43 -7.51 -22.96 -9.43
N GLY A 47 -7.48 -19.98 -4.05
CA GLY A 47 -7.00 -20.42 -5.36
C GLY A 47 -7.22 -19.30 -6.36
N ALA A 48 -7.31 -18.05 -5.86
CA ALA A 48 -7.51 -16.88 -6.71
C ALA A 48 -6.21 -16.48 -7.42
N VAL A 49 -6.12 -16.80 -8.71
CA VAL A 49 -4.94 -16.46 -9.51
C VAL A 49 -5.03 -15.03 -10.11
N ALA A 50 -4.05 -14.16 -9.83
CA ALA A 50 -4.12 -12.77 -10.23
C ALA A 50 -3.67 -12.61 -11.70
N SER A 51 -4.26 -11.66 -12.42
CA SER A 51 -3.68 -11.23 -13.72
C SER A 51 -3.70 -9.70 -13.77
N ASN A 52 -2.59 -9.11 -14.21
CA ASN A 52 -2.44 -7.64 -14.25
C ASN A 52 -2.48 -7.06 -15.67
N GLY A 53 -3.16 -5.91 -15.81
CA GLY A 53 -3.11 -5.12 -17.03
C GLY A 53 -2.84 -3.66 -16.68
N LEU A 54 -2.95 -2.77 -17.66
CA LEU A 54 -2.69 -1.35 -17.42
C LEU A 54 -3.81 -0.46 -17.91
N ILE A 55 -3.91 0.70 -17.27
CA ILE A 55 -4.83 1.76 -17.67
C ILE A 55 -4.01 3.04 -17.82
N VAL A 56 -4.13 3.71 -18.95
CA VAL A 56 -3.32 4.90 -19.17
C VAL A 56 -4.18 6.10 -19.54
N ARG A 57 -4.05 7.19 -18.78
CA ARG A 57 -4.72 8.43 -19.11
C ARG A 57 -3.79 9.23 -20.02
N ASP A 58 -4.27 9.54 -21.21
CA ASP A 58 -3.52 10.25 -22.22
C ASP A 58 -4.30 11.47 -22.66
N GLY A 59 -4.07 12.59 -21.97
CA GLY A 59 -4.82 13.80 -22.26
C GLY A 59 -6.27 13.63 -21.85
N GLY A 60 -7.17 13.72 -22.82
CA GLY A 60 -8.58 13.60 -22.55
C GLY A 60 -9.17 12.23 -22.87
N ARG A 61 -8.32 11.19 -22.94
CA ARG A 61 -8.81 9.85 -23.22
C ARG A 61 -8.05 8.79 -22.41
N VAL A 62 -8.62 7.59 -22.36
CA VAL A 62 -8.03 6.49 -21.64
C VAL A 62 -7.67 5.37 -22.61
N LEU A 63 -6.53 4.72 -22.35
CA LEU A 63 -6.08 3.57 -23.14
C LEU A 63 -5.93 2.38 -22.21
N VAL A 64 -6.37 1.22 -22.67
CA VAL A 64 -6.31 0.03 -21.85
C VAL A 64 -5.37 -1.01 -22.45
N VAL A 65 -4.54 -1.60 -21.61
CA VAL A 65 -3.71 -2.73 -22.03
C VAL A 65 -4.23 -3.98 -21.32
N ASP A 66 -4.75 -4.90 -22.12
CA ASP A 66 -5.27 -6.21 -21.70
C ASP A 66 -6.63 -6.16 -21.00
N THR A 67 -7.46 -7.16 -21.26
CA THR A 67 -8.76 -7.27 -20.58
C THR A 67 -8.55 -7.96 -19.24
N ALA A 68 -9.63 -8.18 -18.51
CA ALA A 68 -9.61 -9.04 -17.34
C ALA A 68 -9.89 -10.48 -17.80
N TRP A 69 -9.96 -11.42 -16.87
CA TRP A 69 -10.23 -12.82 -17.23
C TRP A 69 -11.58 -13.02 -17.94
N THR A 70 -12.58 -12.23 -17.56
CA THR A 70 -13.94 -12.43 -18.06
C THR A 70 -14.58 -11.14 -18.55
N ASP A 71 -15.69 -11.24 -19.28
CA ASP A 71 -16.44 -10.06 -19.71
C ASP A 71 -16.94 -9.23 -18.52
N ASP A 72 -17.52 -9.90 -17.54
CA ASP A 72 -18.05 -9.17 -16.39
C ASP A 72 -16.96 -8.39 -15.66
N GLN A 73 -15.81 -9.03 -15.48
CA GLN A 73 -14.69 -8.37 -14.81
C GLN A 73 -14.21 -7.18 -15.63
N THR A 74 -14.20 -7.35 -16.95
CA THR A 74 -13.73 -6.26 -17.82
C THR A 74 -14.72 -5.09 -17.79
N ALA A 75 -16.01 -5.40 -17.68
CA ALA A 75 -17.01 -4.34 -17.46
C ALA A 75 -16.74 -3.59 -16.14
N GLN A 76 -16.28 -4.30 -15.12
CA GLN A 76 -15.97 -3.66 -13.84
C GLN A 76 -14.80 -2.69 -13.98
N ILE A 77 -13.81 -3.07 -14.79
CA ILE A 77 -12.75 -2.16 -15.11
C ILE A 77 -13.30 -0.89 -15.78
N LEU A 78 -14.17 -1.06 -16.76
CA LEU A 78 -14.71 0.08 -17.49
C LEU A 78 -15.56 0.98 -16.56
N ASN A 79 -16.32 0.38 -15.67
CA ASN A 79 -17.08 1.17 -14.71
C ASN A 79 -16.20 1.92 -13.73
N TRP A 80 -15.13 1.27 -13.28
CA TRP A 80 -14.18 1.95 -12.40
C TRP A 80 -13.55 3.14 -13.10
N ILE A 81 -13.15 2.94 -14.36
CA ILE A 81 -12.56 4.02 -15.13
C ILE A 81 -13.53 5.20 -15.25
N LYS A 82 -14.78 4.92 -15.60
CA LYS A 82 -15.80 5.97 -15.72
C LYS A 82 -15.97 6.74 -14.41
N GLN A 83 -16.05 5.98 -13.32
CA GLN A 83 -16.27 6.56 -11.99
C GLN A 83 -15.07 7.36 -11.47
N GLU A 84 -13.86 6.82 -11.62
CA GLU A 84 -12.68 7.40 -10.97
C GLU A 84 -11.86 8.31 -11.88
N ILE A 85 -11.92 8.08 -13.18
CA ILE A 85 -11.15 8.86 -14.14
C ILE A 85 -12.08 9.73 -14.97
N ASN A 86 -13.23 9.17 -15.34
CA ASN A 86 -14.27 9.91 -16.06
C ASN A 86 -13.80 10.48 -17.40
N LEU A 87 -13.09 9.67 -18.16
CA LEU A 87 -12.70 9.98 -19.52
C LEU A 87 -13.03 8.81 -20.41
N PRO A 88 -13.34 9.08 -21.69
CA PRO A 88 -13.68 7.96 -22.58
C PRO A 88 -12.48 7.07 -22.88
N VAL A 89 -12.75 5.78 -23.00
CA VAL A 89 -11.73 4.81 -23.37
C VAL A 89 -11.69 4.72 -24.89
N ALA A 90 -10.59 5.17 -25.48
CA ALA A 90 -10.45 5.26 -26.92
C ALA A 90 -10.11 3.91 -27.58
N LEU A 91 -9.27 3.11 -26.91
CA LEU A 91 -8.80 1.87 -27.50
C LEU A 91 -8.18 0.97 -26.45
N ALA A 92 -8.08 -0.31 -26.80
CA ALA A 92 -7.43 -1.30 -25.96
C ALA A 92 -6.49 -2.15 -26.82
N VAL A 93 -5.33 -2.49 -26.25
CA VAL A 93 -4.42 -3.42 -26.92
C VAL A 93 -4.26 -4.62 -26.00
N VAL A 94 -4.31 -5.82 -26.57
CA VAL A 94 -4.19 -7.03 -25.78
C VAL A 94 -2.94 -7.79 -26.20
N THR A 95 -2.25 -8.42 -25.24
CA THR A 95 -0.86 -8.83 -25.47
C THR A 95 -0.59 -10.31 -25.81
N HIS A 96 -1.61 -11.15 -25.77
CA HIS A 96 -1.61 -12.43 -26.49
C HIS A 96 -2.89 -13.21 -26.26
N ALA A 97 -3.05 -14.33 -26.97
CA ALA A 97 -4.32 -15.05 -26.96
C ALA A 97 -4.42 -16.09 -25.85
N HIS A 98 -4.41 -15.61 -24.60
CA HIS A 98 -4.75 -16.45 -23.45
C HIS A 98 -5.92 -15.80 -22.71
N GLN A 99 -6.61 -16.56 -21.87
CA GLN A 99 -7.85 -16.06 -21.25
C GLN A 99 -7.64 -14.82 -20.37
N ASP A 100 -6.49 -14.73 -19.71
CA ASP A 100 -6.26 -13.60 -18.81
C ASP A 100 -6.07 -12.27 -19.56
N LYS A 101 -5.74 -12.35 -20.84
CA LYS A 101 -5.45 -11.16 -21.62
C LYS A 101 -6.60 -10.77 -22.56
N MET A 102 -7.37 -11.77 -23.01
CA MET A 102 -8.36 -11.53 -24.06
C MET A 102 -9.74 -12.04 -23.66
N GLY A 103 -9.87 -12.48 -22.42
CA GLY A 103 -11.13 -13.05 -21.95
C GLY A 103 -12.31 -12.10 -21.94
N GLY A 104 -12.07 -10.79 -21.92
CA GLY A 104 -13.15 -9.82 -21.84
C GLY A 104 -13.35 -8.99 -23.10
N MET A 105 -12.92 -9.52 -24.24
CA MET A 105 -13.00 -8.77 -25.50
C MET A 105 -14.40 -8.26 -25.81
N ASP A 106 -15.42 -9.10 -25.58
CA ASP A 106 -16.81 -8.72 -25.89
C ASP A 106 -17.29 -7.51 -25.07
N ALA A 107 -16.84 -7.42 -23.82
CA ALA A 107 -17.20 -6.28 -22.97
C ALA A 107 -16.66 -4.96 -23.52
N LEU A 108 -15.47 -5.02 -24.10
CA LEU A 108 -14.87 -3.86 -24.73
C LEU A 108 -15.67 -3.48 -25.97
N HIS A 109 -16.04 -4.48 -26.77
CA HIS A 109 -16.75 -4.22 -28.01
C HIS A 109 -18.13 -3.66 -27.74
N ALA A 110 -18.80 -4.19 -26.71
CA ALA A 110 -20.10 -3.70 -26.32
C ALA A 110 -20.05 -2.22 -25.91
N ALA A 111 -18.90 -1.78 -25.40
CA ALA A 111 -18.74 -0.39 -24.97
C ALA A 111 -18.28 0.51 -26.13
N GLY A 112 -18.11 -0.07 -27.31
CA GLY A 112 -17.73 0.69 -28.48
C GLY A 112 -16.25 1.07 -28.52
N ILE A 113 -15.42 0.29 -27.83
CA ILE A 113 -13.99 0.56 -27.75
C ILE A 113 -13.26 -0.17 -28.88
N ALA A 114 -12.38 0.55 -29.59
CA ALA A 114 -11.61 -0.07 -30.67
C ALA A 114 -10.52 -0.99 -30.10
N THR A 115 -10.42 -2.20 -30.64
CA THR A 115 -9.47 -3.16 -30.04
C THR A 115 -8.38 -3.61 -31.02
N TYR A 116 -7.19 -3.82 -30.47
CA TYR A 116 -5.99 -4.16 -31.23
C TYR A 116 -5.25 -5.34 -30.62
N ALA A 117 -4.72 -6.20 -31.48
CA ALA A 117 -3.87 -7.30 -31.06
C ALA A 117 -2.93 -7.69 -32.19
N ASN A 118 -1.82 -8.32 -31.84
CA ASN A 118 -0.95 -8.97 -32.83
C ASN A 118 -1.83 -9.78 -33.77
N ALA A 119 -1.56 -9.71 -35.09
CA ALA A 119 -2.33 -10.50 -36.05
C ALA A 119 -2.37 -11.96 -35.65
N LEU A 120 -1.25 -12.49 -35.13
CA LEU A 120 -1.20 -13.90 -34.72
C LEU A 120 -2.16 -14.19 -33.55
N SER A 121 -2.28 -13.24 -32.63
CA SER A 121 -3.22 -13.38 -31.52
C SER A 121 -4.65 -13.48 -32.04
N ASN A 122 -4.97 -12.67 -33.04
CA ASN A 122 -6.30 -12.69 -33.65
C ASN A 122 -6.50 -13.98 -34.42
N GLN A 123 -5.45 -14.47 -35.05
CA GLN A 123 -5.53 -15.74 -35.75
C GLN A 123 -5.74 -16.90 -34.76
N LEU A 124 -5.09 -16.82 -33.61
CA LEU A 124 -5.22 -17.88 -32.61
C LEU A 124 -6.53 -17.83 -31.80
N ALA A 125 -7.13 -16.65 -31.69
CA ALA A 125 -8.26 -16.44 -30.78
C ALA A 125 -9.40 -17.48 -30.92
N PRO A 126 -9.90 -17.72 -32.16
CA PRO A 126 -11.01 -18.69 -32.29
C PRO A 126 -10.67 -20.08 -31.78
N GLN A 127 -9.47 -20.59 -32.07
CA GLN A 127 -9.06 -21.93 -31.64
C GLN A 127 -9.02 -21.96 -30.12
N GLU A 128 -8.78 -20.79 -29.54
CA GLU A 128 -8.68 -20.66 -28.08
C GLU A 128 -10.03 -20.39 -27.41
N GLY A 129 -11.09 -20.29 -28.21
CA GLY A 129 -12.40 -19.95 -27.67
C GLY A 129 -12.50 -18.51 -27.23
N MET A 130 -11.66 -17.67 -27.82
CA MET A 130 -11.57 -16.25 -27.52
C MET A 130 -12.23 -15.44 -28.65
N VAL A 131 -12.66 -14.22 -28.34
CA VAL A 131 -13.08 -13.29 -29.38
C VAL A 131 -11.88 -12.49 -29.89
N ALA A 132 -11.66 -12.46 -31.20
CA ALA A 132 -10.53 -11.72 -31.75
C ALA A 132 -10.72 -10.21 -31.63
N ALA A 133 -9.62 -9.47 -31.56
CA ALA A 133 -9.71 -8.02 -31.61
C ALA A 133 -10.16 -7.56 -33.01
N GLN A 134 -10.60 -6.31 -33.09
CA GLN A 134 -11.11 -5.74 -34.34
C GLN A 134 -10.00 -5.44 -35.32
N HIS A 135 -8.80 -5.15 -34.80
CA HIS A 135 -7.69 -4.74 -35.64
C HIS A 135 -6.46 -5.56 -35.33
N SER A 136 -5.67 -5.82 -36.37
CA SER A 136 -4.44 -6.60 -36.25
C SER A 136 -3.20 -5.72 -36.35
N LEU A 137 -2.29 -5.90 -35.39
CA LEU A 137 -0.99 -5.24 -35.42
C LEU A 137 0.01 -6.10 -36.21
N THR A 138 0.89 -5.46 -36.98
CA THR A 138 1.99 -6.21 -37.59
C THR A 138 3.28 -5.53 -37.20
N PHE A 139 4.40 -6.24 -37.39
CA PHE A 139 5.68 -5.81 -36.85
C PHE A 139 6.81 -5.86 -37.88
N ALA A 140 7.68 -4.87 -37.80
CA ALA A 140 8.88 -4.86 -38.62
C ALA A 140 9.82 -5.97 -38.17
N ALA A 141 10.85 -6.22 -38.97
CA ALA A 141 11.84 -7.24 -38.68
C ALA A 141 12.63 -6.94 -37.41
N ASN A 142 12.65 -5.68 -36.98
CA ASN A 142 13.37 -5.34 -35.75
C ASN A 142 12.47 -5.40 -34.52
N GLY A 143 11.24 -5.85 -34.69
CA GLY A 143 10.30 -6.03 -33.59
C GLY A 143 9.33 -4.88 -33.29
N TRP A 144 9.61 -3.70 -33.81
CA TRP A 144 8.73 -2.56 -33.53
C TRP A 144 7.47 -2.63 -34.39
N VAL A 145 6.34 -2.23 -33.80
CA VAL A 145 5.06 -2.26 -34.50
C VAL A 145 5.10 -1.35 -35.71
N GLU A 146 4.43 -1.78 -36.79
CA GLU A 146 4.23 -0.93 -37.96
C GLU A 146 3.22 0.15 -37.56
N PRO A 147 3.66 1.42 -37.55
CA PRO A 147 2.83 2.53 -37.04
C PRO A 147 1.46 2.65 -37.71
N ALA A 148 1.37 2.29 -38.99
CA ALA A 148 0.09 2.38 -39.71
C ALA A 148 -0.94 1.42 -39.12
N THR A 149 -0.49 0.35 -38.45
CA THR A 149 -1.43 -0.62 -37.86
C THR A 149 -1.79 -0.23 -36.42
N ALA A 150 -1.10 0.77 -35.89
CA ALA A 150 -1.36 1.23 -34.52
C ALA A 150 -1.59 2.73 -34.49
N PRO A 151 -2.66 3.17 -35.15
CA PRO A 151 -2.93 4.61 -35.29
C PRO A 151 -3.38 5.23 -33.98
N ASN A 152 -2.83 6.40 -33.67
CA ASN A 152 -3.22 7.19 -32.51
C ASN A 152 -3.01 6.43 -31.21
N PHE A 153 -1.89 5.71 -31.11
CA PHE A 153 -1.61 4.97 -29.88
C PHE A 153 -1.00 5.86 -28.81
N GLY A 154 -0.80 7.14 -29.13
CA GLY A 154 -0.29 8.08 -28.16
C GLY A 154 1.02 7.62 -27.53
N PRO A 155 1.07 7.52 -26.20
CA PRO A 155 2.30 7.12 -25.51
C PRO A 155 2.60 5.61 -25.54
N LEU A 156 1.68 4.81 -26.06
CA LEU A 156 1.89 3.35 -26.09
C LEU A 156 2.84 2.96 -27.20
N LYS A 157 3.99 2.37 -26.83
CA LYS A 157 4.98 1.94 -27.80
C LYS A 157 5.02 0.41 -27.83
N VAL A 158 4.54 -0.18 -28.91
CA VAL A 158 4.34 -1.63 -28.95
C VAL A 158 5.51 -2.36 -29.62
N PHE A 159 6.03 -3.38 -28.92
CA PHE A 159 7.22 -4.11 -29.36
C PHE A 159 6.96 -5.61 -29.27
N TYR A 160 7.23 -6.30 -30.39
CA TYR A 160 7.23 -7.76 -30.40
C TYR A 160 8.67 -8.25 -30.21
N PRO A 161 8.96 -8.86 -29.04
CA PRO A 161 10.34 -9.20 -28.69
C PRO A 161 10.82 -10.52 -29.30
N GLY A 162 9.91 -11.25 -29.93
CA GLY A 162 10.21 -12.58 -30.42
C GLY A 162 9.46 -13.59 -29.58
N PRO A 163 9.45 -14.85 -30.03
CA PRO A 163 8.73 -15.92 -29.32
C PRO A 163 9.33 -16.20 -27.96
N GLY A 164 8.48 -16.44 -26.97
CA GLY A 164 8.94 -16.72 -25.62
C GLY A 164 7.88 -17.48 -24.84
N HIS A 165 7.11 -16.76 -24.02
CA HIS A 165 5.97 -17.32 -23.31
C HIS A 165 5.01 -17.95 -24.31
N THR A 166 4.75 -17.22 -25.39
CA THR A 166 3.99 -17.73 -26.53
C THR A 166 4.61 -17.24 -27.82
N SER A 167 4.13 -17.71 -28.97
CA SER A 167 4.63 -17.20 -30.23
C SER A 167 4.17 -15.79 -30.47
N ASP A 168 3.02 -15.41 -29.89
CA ASP A 168 2.40 -14.13 -30.23
C ASP A 168 2.58 -13.02 -29.19
N ASN A 169 3.28 -13.30 -28.10
CA ASN A 169 3.35 -12.32 -27.01
C ASN A 169 3.93 -10.97 -27.43
N ILE A 170 3.26 -9.90 -27.05
CA ILE A 170 3.78 -8.57 -27.32
C ILE A 170 3.95 -7.79 -26.02
N THR A 171 4.69 -6.68 -26.13
CA THR A 171 5.05 -5.91 -24.97
C THR A 171 4.80 -4.44 -25.25
N VAL A 172 4.65 -3.65 -24.18
CA VAL A 172 4.28 -2.25 -24.34
C VAL A 172 5.03 -1.33 -23.37
N GLY A 173 5.67 -0.31 -23.91
CA GLY A 173 6.25 0.74 -23.08
C GLY A 173 5.33 1.94 -23.06
N ILE A 174 5.38 2.72 -21.98
CA ILE A 174 4.56 3.93 -21.87
C ILE A 174 5.46 5.15 -21.90
N ASP A 175 5.47 5.86 -23.03
CA ASP A 175 6.29 7.06 -23.17
C ASP A 175 5.91 8.10 -22.12
N GLY A 176 6.91 8.82 -21.61
CA GLY A 176 6.71 9.85 -20.62
C GLY A 176 6.76 9.28 -19.22
N THR A 177 7.00 7.98 -19.11
CA THR A 177 7.10 7.31 -17.82
C THR A 177 8.31 6.39 -17.82
N ASP A 178 8.61 5.80 -16.66
CA ASP A 178 9.69 4.83 -16.56
C ASP A 178 9.12 3.41 -16.59
N ILE A 179 7.93 3.26 -17.14
CA ILE A 179 7.20 1.98 -17.11
C ILE A 179 7.21 1.22 -18.44
N ALA A 180 7.47 -0.09 -18.37
CA ALA A 180 7.31 -0.99 -19.51
C ALA A 180 6.58 -2.25 -19.07
N PHE A 181 5.68 -2.73 -19.93
CA PHE A 181 4.84 -3.87 -19.62
C PHE A 181 5.33 -5.11 -20.35
N GLY A 182 5.80 -6.10 -19.60
CA GLY A 182 6.33 -7.32 -20.20
C GLY A 182 5.27 -8.38 -20.39
N GLY A 183 4.05 -8.12 -19.91
CA GLY A 183 2.98 -9.10 -20.04
C GLY A 183 3.33 -10.40 -19.34
N CYS A 184 3.02 -11.53 -19.96
CA CYS A 184 3.34 -12.83 -19.34
C CYS A 184 4.73 -13.34 -19.73
N LEU A 185 5.44 -12.60 -20.57
CA LEU A 185 6.81 -12.98 -20.97
C LEU A 185 7.81 -12.91 -19.80
N ILE A 186 7.68 -11.83 -19.03
CA ILE A 186 8.62 -11.57 -17.95
C ILE A 186 8.01 -12.04 -16.62
N LYS A 187 8.83 -12.72 -15.83
CA LYS A 187 8.44 -13.19 -14.50
C LYS A 187 9.15 -12.34 -13.45
N ASP A 188 8.62 -12.27 -12.26
CA ASP A 188 9.33 -11.49 -11.27
C ASP A 188 10.64 -12.14 -10.85
N SER A 189 11.52 -11.30 -10.34
CA SER A 189 12.89 -11.71 -10.05
C SER A 189 13.02 -12.77 -8.94
N LYS A 190 11.94 -13.09 -8.23
CA LYS A 190 11.97 -14.13 -7.20
C LYS A 190 11.32 -15.42 -7.69
N ALA A 191 10.93 -15.44 -8.96
CA ALA A 191 10.24 -16.60 -9.53
C ALA A 191 11.09 -17.85 -9.45
N LYS A 192 10.44 -18.98 -9.18
CA LYS A 192 11.13 -20.25 -9.02
C LYS A 192 11.12 -21.03 -10.33
N SER A 193 10.31 -20.59 -11.28
CA SER A 193 10.27 -21.23 -12.60
C SER A 193 9.58 -20.31 -13.62
N LEU A 194 9.67 -20.67 -14.91
CA LEU A 194 9.04 -19.87 -15.95
C LEU A 194 7.61 -20.29 -16.23
N GLY A 195 7.21 -21.44 -15.71
CA GLY A 195 5.86 -21.92 -15.92
C GLY A 195 5.64 -22.29 -17.36
N ASN A 196 6.73 -22.41 -18.14
CA ASN A 196 6.61 -22.57 -19.58
C ASN A 196 5.87 -23.85 -19.95
N LEU A 197 4.97 -23.72 -20.92
CA LEU A 197 4.15 -24.85 -21.32
C LEU A 197 4.41 -25.19 -22.78
N GLY A 198 3.48 -25.95 -23.36
CA GLY A 198 3.60 -26.42 -24.72
C GLY A 198 3.86 -25.33 -25.75
N ASP A 199 3.22 -24.19 -25.57
CA ASP A 199 3.30 -23.11 -26.55
C ASP A 199 4.42 -22.11 -26.29
N ALA A 200 5.32 -22.44 -25.37
CA ALA A 200 6.50 -21.62 -25.18
C ALA A 200 7.54 -21.98 -26.24
N ASP A 201 8.34 -21.00 -26.64
CA ASP A 201 9.51 -21.27 -27.49
C ASP A 201 10.76 -21.23 -26.61
N THR A 202 11.21 -22.40 -26.18
CA THR A 202 12.31 -22.49 -25.21
C THR A 202 13.67 -22.24 -25.84
N GLU A 203 13.75 -22.30 -27.16
CA GLU A 203 14.99 -21.98 -27.85
C GLU A 203 15.23 -20.47 -27.82
N HIS A 204 14.17 -19.70 -28.03
CA HIS A 204 14.34 -18.26 -28.20
C HIS A 204 13.89 -17.42 -27.00
N TYR A 205 13.37 -18.07 -25.97
CA TYR A 205 12.77 -17.36 -24.83
C TYR A 205 13.76 -16.36 -24.22
N ALA A 206 14.98 -16.83 -23.95
CA ALA A 206 15.97 -15.97 -23.31
C ALA A 206 16.27 -14.72 -24.16
N ALA A 207 16.50 -14.92 -25.45
CA ALA A 207 16.82 -13.81 -26.36
C ALA A 207 15.63 -12.86 -26.46
N SER A 208 14.42 -13.40 -26.39
CA SER A 208 13.24 -12.55 -26.45
C SER A 208 13.09 -11.70 -25.19
N ALA A 209 13.35 -12.28 -24.02
CA ALA A 209 13.32 -11.50 -22.78
C ALA A 209 14.36 -10.39 -22.82
N ARG A 210 15.56 -10.73 -23.30
CA ARG A 210 16.63 -9.73 -23.38
C ARG A 210 16.29 -8.66 -24.41
N ALA A 211 15.59 -9.04 -25.49
CA ALA A 211 15.15 -8.08 -26.52
C ALA A 211 14.16 -7.05 -25.96
N PHE A 212 13.23 -7.51 -25.13
CA PHE A 212 12.32 -6.60 -24.41
C PHE A 212 13.11 -5.57 -23.59
N GLY A 213 14.11 -6.05 -22.84
CA GLY A 213 14.95 -5.14 -22.08
C GLY A 213 15.63 -4.08 -22.94
N ALA A 214 16.16 -4.50 -24.07
CA ALA A 214 16.88 -3.58 -24.98
C ALA A 214 15.96 -2.61 -25.70
N ALA A 215 14.70 -2.99 -25.89
CA ALA A 215 13.75 -2.12 -26.57
C ALA A 215 13.33 -0.96 -25.67
N PHE A 216 13.30 -1.23 -24.37
CA PHE A 216 12.89 -0.24 -23.37
C PHE A 216 14.02 -0.09 -22.34
N PRO A 217 15.18 0.41 -22.80
CA PRO A 217 16.40 0.37 -21.99
C PRO A 217 16.37 1.26 -20.75
N LYS A 218 15.50 2.26 -20.72
CA LYS A 218 15.44 3.13 -19.55
C LYS A 218 14.25 2.87 -18.64
N ALA A 219 13.41 1.89 -19.00
CA ALA A 219 12.29 1.57 -18.13
C ALA A 219 12.84 1.01 -16.81
N SER A 220 12.42 1.60 -15.69
CA SER A 220 12.90 1.17 -14.38
C SER A 220 11.80 0.44 -13.60
N MET A 221 10.56 0.60 -14.04
CA MET A 221 9.47 -0.15 -13.46
C MET A 221 8.94 -1.15 -14.48
N ILE A 222 9.15 -2.43 -14.21
CA ILE A 222 8.69 -3.48 -15.12
C ILE A 222 7.39 -4.09 -14.58
N VAL A 223 6.30 -3.88 -15.32
CA VAL A 223 4.99 -4.41 -14.97
C VAL A 223 4.79 -5.74 -15.71
N MET A 224 4.20 -6.71 -15.03
CA MET A 224 4.01 -8.01 -15.66
C MET A 224 2.68 -8.58 -15.23
N SER A 225 2.28 -9.67 -15.88
CA SER A 225 0.93 -10.19 -15.71
C SER A 225 0.64 -10.88 -14.38
N HIS A 226 1.62 -11.56 -13.79
CA HIS A 226 1.27 -12.42 -12.64
C HIS A 226 2.11 -12.17 -11.40
N SER A 227 2.71 -10.99 -11.33
CA SER A 227 3.43 -10.53 -10.15
C SER A 227 3.30 -9.02 -10.07
N ALA A 228 3.57 -8.47 -8.88
CA ALA A 228 3.59 -7.02 -8.69
C ALA A 228 4.77 -6.42 -9.45
N PRO A 229 4.73 -5.11 -9.72
CA PRO A 229 5.81 -4.44 -10.47
C PRO A 229 7.18 -4.67 -9.84
N ASP A 230 8.20 -4.80 -10.69
CA ASP A 230 9.54 -5.15 -10.23
C ASP A 230 10.54 -4.22 -10.91
N SER A 231 11.81 -4.34 -10.54
CA SER A 231 12.88 -3.62 -11.21
C SER A 231 13.27 -4.37 -12.47
N ARG A 232 14.26 -3.85 -13.18
CA ARG A 232 14.80 -4.53 -14.36
C ARG A 232 15.41 -5.89 -14.04
N ALA A 233 15.62 -6.17 -12.75
CA ALA A 233 16.11 -7.47 -12.34
C ALA A 233 15.16 -8.61 -12.78
N ALA A 234 13.88 -8.29 -12.94
CA ALA A 234 12.92 -9.25 -13.45
C ALA A 234 13.31 -9.71 -14.85
N ILE A 235 13.83 -8.79 -15.64
CA ILE A 235 14.23 -9.14 -16.99
C ILE A 235 15.43 -10.08 -16.99
N THR A 236 16.46 -9.73 -16.23
CA THR A 236 17.68 -10.54 -16.20
C THR A 236 17.42 -11.88 -15.54
N HIS A 237 16.58 -11.91 -14.50
CA HIS A 237 16.28 -13.17 -13.82
C HIS A 237 15.49 -14.10 -14.74
N THR A 238 14.53 -13.52 -15.47
CA THR A 238 13.73 -14.28 -16.42
C THR A 238 14.64 -14.87 -17.52
N ALA A 239 15.54 -14.05 -18.05
CA ALA A 239 16.46 -14.51 -19.10
C ALA A 239 17.35 -15.64 -18.57
N ARG A 240 17.79 -15.56 -17.33
CA ARG A 240 18.60 -16.62 -16.74
C ARG A 240 17.86 -17.89 -16.63
N MET A 241 16.63 -17.83 -16.17
CA MET A 241 15.83 -19.05 -16.11
C MET A 241 15.65 -19.66 -17.49
N ALA A 242 15.47 -18.79 -18.48
CA ALA A 242 15.26 -19.26 -19.86
C ALA A 242 16.53 -19.87 -20.45
N ASP A 243 17.69 -19.33 -20.08
CA ASP A 243 18.96 -19.89 -20.58
C ASP A 243 19.07 -21.36 -20.30
N LYS A 244 18.52 -21.78 -19.16
CA LYS A 244 18.66 -23.16 -18.69
C LYS A 244 17.86 -24.15 -19.54
N LEU A 245 16.92 -23.64 -20.33
CA LEU A 245 16.04 -24.48 -21.13
C LEU A 245 16.56 -24.82 -22.52
N ARG A 246 17.52 -24.04 -23.01
CA ARG A 246 18.04 -24.26 -24.36
C ARG A 246 18.90 -25.52 -24.44
N GLU B 16 19.48 5.01 0.44
CA GLU B 16 18.74 3.75 0.36
C GLU B 16 18.04 3.60 -0.99
N THR B 17 17.64 2.38 -1.33
CA THR B 17 16.88 2.15 -2.54
C THR B 17 15.62 3.00 -2.50
N GLY B 18 15.29 3.62 -3.62
CA GLY B 18 14.14 4.51 -3.70
C GLY B 18 14.43 5.96 -3.35
N ASP B 19 15.66 6.24 -2.89
CA ASP B 19 16.07 7.62 -2.62
C ASP B 19 16.87 8.19 -3.78
N GLN B 20 16.60 9.43 -4.13
CA GLN B 20 17.40 10.08 -5.15
C GLN B 20 18.25 11.18 -4.54
N ARG B 21 19.52 11.21 -4.91
CA ARG B 21 20.37 12.25 -4.38
C ARG B 21 20.53 13.27 -5.49
N PHE B 22 20.36 14.52 -5.13
CA PHE B 22 20.44 15.62 -6.07
C PHE B 22 21.24 16.72 -5.39
N GLY B 23 22.51 16.87 -5.79
CA GLY B 23 23.43 17.69 -5.04
C GLY B 23 23.52 17.16 -3.62
N ASP B 24 23.28 18.01 -2.63
CA ASP B 24 23.33 17.59 -1.23
C ASP B 24 21.95 17.31 -0.67
N LEU B 25 20.95 17.25 -1.54
CA LEU B 25 19.58 17.01 -1.11
C LEU B 25 19.17 15.59 -1.47
N VAL B 26 18.20 15.06 -0.73
CA VAL B 26 17.66 13.73 -1.00
C VAL B 26 16.15 13.80 -1.23
N PHE B 27 15.67 13.10 -2.24
CA PHE B 27 14.25 13.07 -2.57
C PHE B 27 13.73 11.64 -2.61
N ARG B 28 12.58 11.43 -1.97
CA ARG B 28 11.97 10.10 -1.95
C ARG B 28 10.52 10.21 -2.34
N GLN B 29 10.13 9.46 -3.39
CA GLN B 29 8.74 9.42 -3.80
C GLN B 29 7.94 8.60 -2.79
N LEU B 30 6.85 9.19 -2.30
CA LEU B 30 5.99 8.57 -1.30
C LEU B 30 4.71 8.02 -1.91
N ALA B 31 4.28 8.66 -2.99
CA ALA B 31 3.10 8.29 -3.74
C ALA B 31 3.26 8.85 -5.15
N PRO B 32 2.36 8.49 -6.07
CA PRO B 32 2.49 8.96 -7.47
C PRO B 32 2.67 10.47 -7.63
N ASN B 33 2.02 11.27 -6.79
CA ASN B 33 2.11 12.72 -6.86
C ASN B 33 2.70 13.36 -5.60
N VAL B 34 3.38 12.57 -4.78
CA VAL B 34 3.96 13.12 -3.55
C VAL B 34 5.40 12.66 -3.30
N TRP B 35 6.28 13.61 -3.02
CA TRP B 35 7.66 13.32 -2.68
C TRP B 35 8.05 13.99 -1.38
N GLN B 36 8.98 13.39 -0.66
CA GLN B 36 9.61 13.99 0.50
C GLN B 36 10.94 14.63 0.10
N HIS B 37 11.16 15.89 0.45
CA HIS B 37 12.48 16.47 0.26
C HIS B 37 13.24 16.52 1.58
N THR B 38 14.52 16.18 1.54
CA THR B 38 15.36 16.17 2.74
C THR B 38 16.62 17.01 2.54
N SER B 39 16.88 17.92 3.48
CA SER B 39 18.10 18.73 3.44
C SER B 39 18.80 18.58 4.78
N TYR B 40 20.10 18.87 4.80
CA TYR B 40 20.92 18.62 6.00
C TYR B 40 21.67 19.86 6.45
N LEU B 41 21.82 20.00 7.75
CA LEU B 41 22.61 21.10 8.29
C LEU B 41 23.55 20.60 9.36
N ASP B 42 24.79 21.05 9.27
CA ASP B 42 25.84 20.64 10.19
C ASP B 42 25.72 21.56 11.37
N MET B 43 25.24 21.09 12.49
CA MET B 43 25.07 22.09 13.54
C MET B 43 25.94 21.85 14.78
N PRO B 44 26.37 23.00 15.38
CA PRO B 44 27.43 23.01 16.41
C PRO B 44 27.11 21.98 17.46
N GLY B 45 28.09 21.10 17.67
CA GLY B 45 27.97 20.00 18.57
C GLY B 45 27.46 18.74 17.90
N PHE B 46 26.14 18.69 17.76
CA PHE B 46 25.38 17.50 17.34
C PHE B 46 25.76 16.82 15.99
N GLY B 47 26.10 17.56 14.94
CA GLY B 47 26.39 16.88 13.66
C GLY B 47 25.43 17.22 12.50
N ALA B 48 25.39 16.39 11.43
CA ALA B 48 24.52 16.63 10.26
C ALA B 48 23.02 16.30 10.47
N VAL B 49 22.21 17.31 10.75
CA VAL B 49 20.79 17.05 11.03
C VAL B 49 19.86 17.15 9.80
N ALA B 50 19.08 16.10 9.52
CA ALA B 50 18.14 16.08 8.41
C ALA B 50 16.86 16.80 8.75
N SER B 51 16.24 17.48 7.76
CA SER B 51 14.88 18.01 7.89
C SER B 51 14.10 17.66 6.64
N ASN B 52 12.86 17.17 6.81
CA ASN B 52 11.99 16.73 5.72
C ASN B 52 10.86 17.71 5.44
N GLY B 53 10.53 17.91 4.16
CA GLY B 53 9.34 18.64 3.73
C GLY B 53 8.65 17.83 2.63
N LEU B 54 7.65 18.42 1.99
CA LEU B 54 6.91 17.70 0.94
C LEU B 54 6.83 18.46 -0.36
N ILE B 55 6.69 17.69 -1.45
CA ILE B 55 6.45 18.24 -2.78
C ILE B 55 5.24 17.52 -3.29
N VAL B 56 4.25 18.28 -3.74
CA VAL B 56 3.01 17.67 -4.20
C VAL B 56 2.65 18.14 -5.59
N ARG B 57 2.42 17.18 -6.49
CA ARG B 57 1.97 17.46 -7.85
C ARG B 57 0.45 17.52 -7.91
N ASP B 58 -0.09 18.66 -8.32
CA ASP B 58 -1.54 18.87 -8.38
C ASP B 58 -1.98 19.33 -9.76
N GLY B 59 -2.34 18.39 -10.61
CA GLY B 59 -2.73 18.72 -11.97
C GLY B 59 -1.52 19.25 -12.74
N GLY B 60 -1.61 20.50 -13.17
CA GLY B 60 -0.54 21.11 -13.93
C GLY B 60 0.34 22.03 -13.10
N ARG B 61 0.34 21.86 -11.78
CA ARG B 61 1.16 22.69 -10.92
C ARG B 61 1.74 21.89 -9.75
N VAL B 62 2.74 22.46 -9.10
CA VAL B 62 3.38 21.82 -7.95
C VAL B 62 3.19 22.67 -6.70
N LEU B 63 3.00 22.00 -5.56
CA LEU B 63 2.83 22.65 -4.28
C LEU B 63 3.94 22.18 -3.33
N VAL B 64 4.49 23.09 -2.55
CA VAL B 64 5.59 22.74 -1.65
C VAL B 64 5.22 22.94 -0.18
N VAL B 65 5.58 21.98 0.66
CA VAL B 65 5.44 22.14 2.09
C VAL B 65 6.83 22.24 2.70
N ASP B 66 7.12 23.42 3.26
CA ASP B 66 8.36 23.75 3.97
C ASP B 66 9.56 23.95 3.03
N THR B 67 10.41 24.89 3.41
CA THR B 67 11.66 25.11 2.67
C THR B 67 12.72 24.13 3.19
N ALA B 68 13.93 24.22 2.64
CA ALA B 68 15.07 23.53 3.25
C ALA B 68 15.71 24.46 4.27
N TRP B 69 16.81 24.03 4.89
CA TRP B 69 17.50 24.85 5.90
C TRP B 69 17.97 26.22 5.37
N THR B 70 18.38 26.28 4.10
CA THR B 70 18.96 27.50 3.53
C THR B 70 18.36 27.88 2.18
N ASP B 71 18.61 29.13 1.76
CA ASP B 71 18.18 29.58 0.44
C ASP B 71 18.81 28.72 -0.67
N ASP B 72 20.12 28.45 -0.57
CA ASP B 72 20.82 27.68 -1.60
C ASP B 72 20.20 26.28 -1.75
N GLN B 73 19.92 25.64 -0.62
CA GLN B 73 19.30 24.32 -0.62
C GLN B 73 17.90 24.36 -1.20
N THR B 74 17.15 25.41 -0.89
CA THR B 74 15.80 25.55 -1.40
C THR B 74 15.79 25.81 -2.91
N ALA B 75 16.77 26.55 -3.43
CA ALA B 75 16.92 26.69 -4.88
C ALA B 75 17.13 25.33 -5.53
N GLN B 76 17.90 24.46 -4.88
CA GLN B 76 18.13 23.10 -5.39
C GLN B 76 16.84 22.26 -5.40
N ILE B 77 15.98 22.46 -4.40
CA ILE B 77 14.67 21.82 -4.45
C ILE B 77 13.93 22.25 -5.71
N LEU B 78 13.94 23.55 -5.99
CA LEU B 78 13.24 24.04 -7.16
C LEU B 78 13.88 23.48 -8.43
N ASN B 79 15.21 23.34 -8.43
CA ASN B 79 15.91 22.78 -9.59
C ASN B 79 15.53 21.32 -9.82
N TRP B 80 15.43 20.56 -8.73
CA TRP B 80 15.01 19.16 -8.79
C TRP B 80 13.59 19.05 -9.34
N ILE B 81 12.71 19.93 -8.89
CA ILE B 81 11.33 19.94 -9.41
C ILE B 81 11.32 20.18 -10.93
N LYS B 82 12.13 21.14 -11.38
CA LYS B 82 12.26 21.42 -12.81
C LYS B 82 12.71 20.18 -13.57
N GLN B 83 13.68 19.47 -12.99
CA GLN B 83 14.30 18.27 -13.55
C GLN B 83 13.35 17.07 -13.60
N GLU B 84 12.65 16.83 -12.49
CA GLU B 84 11.87 15.59 -12.38
C GLU B 84 10.39 15.74 -12.69
N ILE B 85 9.85 16.93 -12.47
CA ILE B 85 8.42 17.16 -12.65
C ILE B 85 8.13 18.14 -13.79
N ASN B 86 8.92 19.20 -13.89
CA ASN B 86 8.79 20.17 -14.98
C ASN B 86 7.41 20.82 -15.04
N LEU B 87 6.89 21.21 -13.87
CA LEU B 87 5.66 21.98 -13.78
C LEU B 87 5.93 23.17 -12.88
N PRO B 88 5.20 24.27 -13.10
CA PRO B 88 5.43 25.48 -12.30
C PRO B 88 5.01 25.27 -10.84
N VAL B 89 5.75 25.87 -9.92
CA VAL B 89 5.41 25.78 -8.50
C VAL B 89 4.48 26.92 -8.13
N ALA B 90 3.24 26.58 -7.77
CA ALA B 90 2.19 27.58 -7.56
C ALA B 90 2.28 28.25 -6.20
N LEU B 91 2.61 27.49 -5.17
CA LEU B 91 2.59 28.02 -3.81
C LEU B 91 3.36 27.12 -2.89
N ALA B 92 3.72 27.69 -1.73
CA ALA B 92 4.37 26.93 -0.67
C ALA B 92 3.72 27.29 0.66
N VAL B 93 3.56 26.28 1.51
CA VAL B 93 3.11 26.53 2.89
C VAL B 93 4.23 26.09 3.82
N VAL B 94 4.54 26.89 4.83
CA VAL B 94 5.61 26.53 5.76
C VAL B 94 5.02 26.37 7.17
N THR B 95 5.52 25.39 7.92
CA THR B 95 4.75 24.90 9.07
C THR B 95 5.17 25.42 10.46
N HIS B 96 6.26 26.19 10.53
CA HIS B 96 6.49 27.10 11.67
C HIS B 96 7.80 27.85 11.52
N ALA B 97 8.04 28.79 12.43
CA ALA B 97 9.17 29.71 12.30
C ALA B 97 10.43 29.17 12.96
N HIS B 98 10.95 28.08 12.41
CA HIS B 98 12.29 27.60 12.75
C HIS B 98 13.06 27.51 11.43
N GLN B 99 14.38 27.49 11.52
CA GLN B 99 15.22 27.57 10.33
C GLN B 99 15.03 26.42 9.36
N ASP B 100 14.73 25.22 9.87
CA ASP B 100 14.60 24.07 9.00
C ASP B 100 13.34 24.16 8.13
N LYS B 101 12.38 24.98 8.55
CA LYS B 101 11.10 25.10 7.84
C LYS B 101 10.99 26.37 7.00
N MET B 102 11.69 27.42 7.41
CA MET B 102 11.51 28.74 6.80
C MET B 102 12.82 29.36 6.35
N GLY B 103 13.91 28.60 6.46
CA GLY B 103 15.22 29.13 6.15
C GLY B 103 15.43 29.54 4.71
N GLY B 104 14.62 29.00 3.79
CA GLY B 104 14.80 29.28 2.38
C GLY B 104 13.71 30.13 1.75
N MET B 105 13.01 30.92 2.57
CA MET B 105 11.91 31.75 2.08
C MET B 105 12.30 32.68 0.91
N ASP B 106 13.46 33.28 1.00
CA ASP B 106 13.82 34.20 -0.07
C ASP B 106 13.97 33.55 -1.43
N ALA B 107 14.51 32.36 -1.42
CA ALA B 107 14.63 31.62 -2.67
C ALA B 107 13.28 31.35 -3.32
N LEU B 108 12.25 31.10 -2.50
CA LEU B 108 10.91 30.88 -3.02
C LEU B 108 10.41 32.19 -3.61
N HIS B 109 10.64 33.29 -2.91
CA HIS B 109 10.17 34.58 -3.38
C HIS B 109 10.90 35.03 -4.65
N ALA B 110 12.20 34.79 -4.71
CA ALA B 110 13.01 35.14 -5.88
C ALA B 110 12.54 34.36 -7.12
N ALA B 111 11.95 33.19 -6.91
CA ALA B 111 11.43 32.38 -8.02
C ALA B 111 9.98 32.74 -8.33
N GLY B 112 9.43 33.70 -7.57
CA GLY B 112 8.07 34.18 -7.80
C GLY B 112 6.97 33.30 -7.26
N ILE B 113 7.28 32.51 -6.22
CA ILE B 113 6.32 31.57 -5.66
C ILE B 113 5.55 32.23 -4.51
N ALA B 114 4.23 32.11 -4.50
CA ALA B 114 3.40 32.67 -3.43
C ALA B 114 3.58 31.85 -2.17
N THR B 115 3.81 32.51 -1.03
CA THR B 115 4.10 31.77 0.18
C THR B 115 3.10 32.07 1.27
N TYR B 116 2.80 31.03 2.06
CA TYR B 116 1.81 31.07 3.13
C TYR B 116 2.36 30.51 4.42
N ALA B 117 2.00 31.15 5.53
CA ALA B 117 2.34 30.62 6.85
C ALA B 117 1.32 31.10 7.88
N ASN B 118 1.24 30.39 9.00
CA ASN B 118 0.46 30.86 10.15
C ASN B 118 0.79 32.32 10.42
N ALA B 119 -0.22 33.15 10.68
CA ALA B 119 0.04 34.55 10.99
C ALA B 119 1.10 34.66 12.09
N LEU B 120 1.01 33.78 13.09
CA LEU B 120 1.97 33.79 14.18
C LEU B 120 3.38 33.49 13.70
N SER B 121 3.51 32.56 12.76
CA SER B 121 4.82 32.25 12.18
C SER B 121 5.41 33.50 11.52
N ASN B 122 4.57 34.24 10.83
CA ASN B 122 5.02 35.47 10.18
C ASN B 122 5.41 36.56 11.19
N GLN B 123 4.70 36.58 12.33
CA GLN B 123 5.04 37.50 13.39
C GLN B 123 6.39 37.15 14.04
N LEU B 124 6.65 35.86 14.24
CA LEU B 124 7.89 35.42 14.87
C LEU B 124 9.13 35.46 13.97
N ALA B 125 8.91 35.36 12.66
CA ALA B 125 10.01 35.14 11.72
C ALA B 125 11.14 36.16 11.85
N PRO B 126 10.80 37.48 11.85
CA PRO B 126 11.86 38.48 11.92
C PRO B 126 12.70 38.36 13.18
N GLN B 127 12.07 38.13 14.33
CA GLN B 127 12.87 37.96 15.55
C GLN B 127 13.73 36.69 15.48
N GLU B 128 13.37 35.72 14.63
CA GLU B 128 14.19 34.52 14.46
C GLU B 128 15.24 34.66 13.34
N GLY B 129 15.30 35.84 12.73
CA GLY B 129 16.23 36.10 11.63
C GLY B 129 15.76 35.42 10.34
N MET B 130 14.46 35.18 10.27
CA MET B 130 13.78 34.54 9.15
C MET B 130 13.04 35.60 8.33
N VAL B 131 12.80 35.30 7.07
CA VAL B 131 11.93 36.10 6.22
C VAL B 131 10.48 35.62 6.35
N ALA B 132 9.55 36.53 6.63
CA ALA B 132 8.15 36.11 6.74
C ALA B 132 7.58 35.71 5.38
N ALA B 133 6.58 34.83 5.38
CA ALA B 133 5.84 34.50 4.17
C ALA B 133 5.05 35.71 3.70
N GLN B 134 4.62 35.68 2.44
CA GLN B 134 3.90 36.79 1.83
C GLN B 134 2.46 36.89 2.34
N HIS B 135 1.90 35.75 2.74
CA HIS B 135 0.51 35.69 3.16
C HIS B 135 0.37 35.04 4.52
N SER B 136 -0.61 35.51 5.31
CA SER B 136 -0.83 34.94 6.63
C SER B 136 -2.09 34.10 6.67
N LEU B 137 -1.94 32.88 7.20
CA LEU B 137 -3.06 31.99 7.42
C LEU B 137 -3.67 32.26 8.79
N THR B 138 -4.98 32.22 8.88
CA THR B 138 -5.65 32.27 10.18
C THR B 138 -6.56 31.05 10.30
N PHE B 139 -6.97 30.73 11.53
CA PHE B 139 -7.62 29.47 11.82
C PHE B 139 -8.88 29.65 12.66
N ALA B 140 -9.89 28.85 12.36
CA ALA B 140 -11.11 28.84 13.15
C ALA B 140 -10.80 28.27 14.53
N ALA B 141 -11.76 28.41 15.46
CA ALA B 141 -11.58 27.91 16.81
C ALA B 141 -11.46 26.39 16.85
N ASN B 142 -11.90 25.71 15.78
CA ASN B 142 -11.78 24.25 15.75
C ASN B 142 -10.47 23.79 15.08
N GLY B 143 -9.61 24.76 14.78
CA GLY B 143 -8.28 24.46 14.27
C GLY B 143 -8.13 24.45 12.76
N TRP B 144 -9.24 24.38 12.03
CA TRP B 144 -9.13 24.31 10.57
C TRP B 144 -8.83 25.70 9.98
N VAL B 145 -7.98 25.72 8.95
CA VAL B 145 -7.63 26.99 8.31
C VAL B 145 -8.88 27.68 7.75
N GLU B 146 -8.92 29.01 7.87
CA GLU B 146 -9.96 29.82 7.26
C GLU B 146 -9.73 29.84 5.75
N PRO B 147 -10.70 29.32 4.98
CA PRO B 147 -10.52 29.09 3.53
C PRO B 147 -10.10 30.33 2.77
N ALA B 148 -10.55 31.50 3.23
CA ALA B 148 -10.25 32.75 2.55
C ALA B 148 -8.76 33.09 2.62
N THR B 149 -8.07 32.56 3.62
CA THR B 149 -6.64 32.85 3.76
C THR B 149 -5.78 31.80 3.05
N ALA B 150 -6.43 30.72 2.61
CA ALA B 150 -5.72 29.65 1.92
C ALA B 150 -6.41 29.31 0.59
N PRO B 151 -6.43 30.28 -0.34
CA PRO B 151 -7.13 30.12 -1.62
C PRO B 151 -6.43 29.14 -2.55
N ASN B 152 -7.20 28.31 -3.24
CA ASN B 152 -6.66 27.40 -4.24
C ASN B 152 -5.57 26.48 -3.71
N PHE B 153 -5.76 25.96 -2.49
CA PHE B 153 -4.76 25.07 -1.92
C PHE B 153 -4.90 23.63 -2.43
N GLY B 154 -5.90 23.39 -3.27
CA GLY B 154 -6.10 22.07 -3.86
C GLY B 154 -6.20 20.98 -2.83
N PRO B 155 -5.35 19.95 -2.94
CA PRO B 155 -5.42 18.81 -2.01
C PRO B 155 -4.82 19.08 -0.62
N LEU B 156 -4.18 20.24 -0.43
CA LEU B 156 -3.57 20.55 0.86
C LEU B 156 -4.64 20.99 1.87
N LYS B 157 -4.76 20.24 2.97
CA LYS B 157 -5.72 20.57 4.02
C LYS B 157 -4.97 21.00 5.28
N VAL B 158 -5.01 22.28 5.61
CA VAL B 158 -4.15 22.83 6.65
C VAL B 158 -4.87 22.90 7.99
N PHE B 159 -4.24 22.33 9.02
CA PHE B 159 -4.84 22.19 10.33
C PHE B 159 -3.88 22.70 11.40
N TYR B 160 -4.37 23.61 12.24
CA TYR B 160 -3.62 24.03 13.42
C TYR B 160 -4.09 23.24 14.63
N PRO B 161 -3.23 22.36 15.16
CA PRO B 161 -3.67 21.43 16.22
C PRO B 161 -3.62 22.00 17.64
N GLY B 162 -3.09 23.21 17.81
CA GLY B 162 -2.85 23.75 19.13
C GLY B 162 -1.37 23.81 19.42
N PRO B 163 -0.98 24.50 20.51
CA PRO B 163 0.44 24.65 20.83
C PRO B 163 1.07 23.34 21.24
N GLY B 164 2.30 23.08 20.81
CA GLY B 164 2.96 21.83 21.16
C GLY B 164 4.45 21.98 21.03
N HIS B 165 5.00 21.53 19.91
CA HIS B 165 6.40 21.75 19.58
C HIS B 165 6.72 23.24 19.66
N THR B 166 5.84 24.04 19.08
CA THR B 166 5.89 25.49 19.17
C THR B 166 4.47 26.02 19.31
N SER B 167 4.32 27.32 19.53
CA SER B 167 3.00 27.93 19.57
C SER B 167 2.37 28.00 18.19
N ASP B 168 3.19 28.08 17.15
CA ASP B 168 2.68 28.33 15.81
C ASP B 168 2.62 27.10 14.90
N ASN B 169 3.00 25.91 15.39
CA ASN B 169 3.10 24.75 14.49
C ASN B 169 1.79 24.41 13.81
N ILE B 170 1.85 24.19 12.49
CA ILE B 170 0.69 23.74 11.75
C ILE B 170 0.98 22.43 11.05
N THR B 171 -0.08 21.78 10.56
CA THR B 171 0.04 20.44 9.99
C THR B 171 -0.74 20.40 8.70
N VAL B 172 -0.45 19.43 7.84
CA VAL B 172 -1.04 19.40 6.51
C VAL B 172 -1.43 17.99 6.09
N GLY B 173 -2.66 17.78 5.66
CA GLY B 173 -3.04 16.50 5.09
C GLY B 173 -3.06 16.59 3.57
N ILE B 174 -2.82 15.48 2.88
CA ILE B 174 -2.89 15.52 1.42
C ILE B 174 -4.10 14.71 0.93
N ASP B 175 -5.13 15.41 0.51
CA ASP B 175 -6.34 14.77 -0.05
C ASP B 175 -6.01 13.89 -1.22
N GLY B 176 -6.65 12.74 -1.29
CA GLY B 176 -6.42 11.80 -2.37
C GLY B 176 -5.28 10.84 -2.09
N THR B 177 -4.70 10.96 -0.90
CA THR B 177 -3.64 10.09 -0.45
C THR B 177 -3.89 9.68 0.99
N ASP B 178 -3.07 8.78 1.51
CA ASP B 178 -3.17 8.36 2.90
C ASP B 178 -2.11 9.05 3.77
N ILE B 179 -1.64 10.20 3.31
CA ILE B 179 -0.52 10.90 3.93
C ILE B 179 -0.98 12.10 4.74
N ALA B 180 -0.42 12.24 5.94
CA ALA B 180 -0.58 13.46 6.74
C ALA B 180 0.79 13.89 7.24
N PHE B 181 1.07 15.19 7.20
CA PHE B 181 2.35 15.76 7.58
C PHE B 181 2.25 16.46 8.94
N GLY B 182 2.93 15.90 9.94
CA GLY B 182 2.88 16.43 11.29
C GLY B 182 4.00 17.44 11.55
N GLY B 183 4.90 17.60 10.59
CA GLY B 183 6.02 18.51 10.74
C GLY B 183 6.86 18.13 11.95
N CYS B 184 7.27 19.12 12.74
CA CYS B 184 8.13 18.84 13.89
C CYS B 184 7.33 18.55 15.17
N LEU B 185 6.01 18.61 15.07
CA LEU B 185 5.14 18.27 16.21
C LEU B 185 5.23 16.80 16.55
N ILE B 186 5.21 15.98 15.51
CA ILE B 186 5.18 14.53 15.67
C ILE B 186 6.58 13.94 15.54
N LYS B 187 6.93 13.05 16.46
CA LYS B 187 8.19 12.30 16.42
C LYS B 187 7.89 10.85 16.04
N ASP B 188 8.89 10.11 15.57
CA ASP B 188 8.63 8.73 15.17
C ASP B 188 8.37 7.84 16.37
N SER B 189 7.75 6.69 16.14
CA SER B 189 7.28 5.84 17.22
C SER B 189 8.39 5.29 18.11
N LYS B 190 9.65 5.48 17.69
CA LYS B 190 10.79 5.04 18.48
C LYS B 190 11.59 6.18 19.10
N ALA B 191 11.12 7.41 18.94
CA ALA B 191 11.87 8.57 19.44
C ALA B 191 12.08 8.48 20.94
N LYS B 192 13.24 8.94 21.41
CA LYS B 192 13.58 8.84 22.82
C LYS B 192 13.23 10.11 23.59
N SER B 193 12.89 11.18 22.87
CA SER B 193 12.49 12.42 23.52
C SER B 193 11.80 13.35 22.52
N LEU B 194 11.24 14.41 23.05
CA LEU B 194 10.54 15.42 22.26
C LEU B 194 11.48 16.55 21.82
N GLY B 195 12.73 16.46 22.27
CA GLY B 195 13.75 17.46 21.98
C GLY B 195 13.57 18.73 22.79
N ASN B 196 14.08 19.84 22.26
CA ASN B 196 14.12 21.09 23.00
C ASN B 196 12.73 21.60 23.37
N LEU B 197 12.59 22.08 24.60
CA LEU B 197 11.27 22.44 25.09
C LEU B 197 11.14 23.93 25.38
N GLY B 198 12.16 24.71 25.02
CA GLY B 198 12.13 26.14 25.34
C GLY B 198 10.91 26.88 24.83
N ASP B 199 10.58 26.69 23.56
CA ASP B 199 9.39 27.31 22.98
C ASP B 199 8.22 26.34 22.85
N ALA B 200 8.34 25.18 23.48
CA ALA B 200 7.25 24.21 23.52
C ALA B 200 6.19 24.56 24.55
N ASP B 201 4.95 24.16 24.29
CA ASP B 201 3.88 24.24 25.28
C ASP B 201 3.69 22.83 25.85
N THR B 202 4.31 22.54 26.99
CA THR B 202 4.34 21.19 27.52
C THR B 202 3.01 20.82 28.20
N GLU B 203 2.18 21.81 28.49
CA GLU B 203 0.85 21.53 29.06
C GLU B 203 -0.10 20.99 28.01
N HIS B 204 -0.02 21.55 26.81
CA HIS B 204 -0.99 21.23 25.75
C HIS B 204 -0.45 20.33 24.64
N TYR B 205 0.84 20.00 24.70
CA TYR B 205 1.49 19.24 23.64
C TYR B 205 0.75 17.93 23.35
N ALA B 206 0.42 17.20 24.42
CA ALA B 206 -0.24 15.90 24.27
C ALA B 206 -1.57 16.03 23.52
N ALA B 207 -2.39 17.00 23.93
CA ALA B 207 -3.70 17.23 23.32
C ALA B 207 -3.57 17.66 21.87
N SER B 208 -2.54 18.46 21.58
CA SER B 208 -2.30 18.94 20.22
C SER B 208 -1.88 17.80 19.31
N ALA B 209 -1.01 16.91 19.80
CA ALA B 209 -0.62 15.72 19.03
C ALA B 209 -1.83 14.84 18.73
N ARG B 210 -2.70 14.66 19.72
CA ARG B 210 -3.91 13.85 19.52
C ARG B 210 -4.91 14.52 18.56
N ALA B 211 -4.98 15.85 18.60
CA ALA B 211 -5.86 16.61 17.71
C ALA B 211 -5.45 16.46 16.23
N PHE B 212 -4.14 16.45 16.00
CA PHE B 212 -3.59 16.17 14.68
C PHE B 212 -4.08 14.82 14.17
N GLY B 213 -3.93 13.79 15.00
CA GLY B 213 -4.43 12.47 14.69
C GLY B 213 -5.92 12.46 14.37
N ALA B 214 -6.70 13.19 15.17
CA ALA B 214 -8.16 13.22 15.00
C ALA B 214 -8.59 14.01 13.76
N ALA B 215 -7.77 14.98 13.36
CA ALA B 215 -8.07 15.79 12.19
C ALA B 215 -7.86 15.01 10.91
N PHE B 216 -6.94 14.04 10.95
CA PHE B 216 -6.60 13.20 9.82
C PHE B 216 -6.70 11.72 10.19
N PRO B 217 -7.93 11.28 10.48
CA PRO B 217 -8.17 9.96 11.07
C PRO B 217 -7.87 8.78 10.17
N LYS B 218 -7.87 8.98 8.85
CA LYS B 218 -7.65 7.87 7.94
C LYS B 218 -6.23 7.85 7.37
N ALA B 219 -5.43 8.85 7.72
CA ALA B 219 -4.06 8.89 7.26
C ALA B 219 -3.28 7.70 7.83
N SER B 220 -2.62 6.93 6.97
CA SER B 220 -1.87 5.78 7.44
C SER B 220 -0.37 6.01 7.31
N MET B 221 0.03 6.99 6.52
CA MET B 221 1.45 7.35 6.41
C MET B 221 1.69 8.73 7.04
N ILE B 222 2.39 8.75 8.17
CA ILE B 222 2.65 10.01 8.87
C ILE B 222 4.06 10.50 8.56
N VAL B 223 4.14 11.61 7.85
CA VAL B 223 5.41 12.24 7.49
C VAL B 223 5.78 13.30 8.52
N MET B 224 7.05 13.35 8.88
CA MET B 224 7.47 14.31 9.89
C MET B 224 8.83 14.89 9.52
N SER B 225 9.22 15.93 10.23
CA SER B 225 10.39 16.70 9.83
C SER B 225 11.71 15.97 10.08
N HIS B 226 11.78 15.18 11.14
CA HIS B 226 13.09 14.67 11.55
C HIS B 226 13.14 13.16 11.73
N SER B 227 12.21 12.48 11.08
CA SER B 227 12.24 11.03 11.01
C SER B 227 11.66 10.64 9.68
N ALA B 228 11.98 9.43 9.24
CA ALA B 228 11.39 8.87 8.03
C ALA B 228 9.92 8.61 8.30
N PRO B 229 9.11 8.49 7.23
CA PRO B 229 7.67 8.25 7.39
C PRO B 229 7.38 7.03 8.27
N ASP B 230 6.34 7.14 9.09
CA ASP B 230 5.99 6.10 10.05
C ASP B 230 4.48 5.85 10.02
N SER B 231 4.02 4.86 10.78
CA SER B 231 2.58 4.62 10.93
C SER B 231 1.99 5.55 11.97
N ARG B 232 0.69 5.40 12.26
CA ARG B 232 0.04 6.19 13.28
C ARG B 232 0.62 5.97 14.68
N ALA B 233 1.46 4.95 14.84
CA ALA B 233 2.15 4.73 16.11
C ALA B 233 3.02 5.94 16.50
N ALA B 234 3.48 6.71 15.50
CA ALA B 234 4.22 7.93 15.78
C ALA B 234 3.35 8.94 16.53
N ILE B 235 2.08 9.05 16.16
CA ILE B 235 1.17 9.99 16.82
C ILE B 235 0.92 9.55 18.26
N THR B 236 0.57 8.28 18.42
CA THR B 236 0.25 7.77 19.75
C THR B 236 1.48 7.80 20.65
N HIS B 237 2.66 7.47 20.10
CA HIS B 237 3.88 7.52 20.90
C HIS B 237 4.27 8.93 21.29
N THR B 238 4.14 9.87 20.35
CA THR B 238 4.44 11.26 20.63
C THR B 238 3.54 11.76 21.75
N ALA B 239 2.25 11.43 21.66
CA ALA B 239 1.30 11.89 22.67
C ALA B 239 1.64 11.32 24.05
N ARG B 240 2.09 10.07 24.09
CA ARG B 240 2.43 9.44 25.37
C ARG B 240 3.66 10.11 25.97
N MET B 241 4.66 10.41 25.14
CA MET B 241 5.83 11.14 25.62
C MET B 241 5.44 12.51 26.16
N ALA B 242 4.49 13.17 25.49
CA ALA B 242 4.04 14.49 25.92
C ALA B 242 3.25 14.43 27.22
N ASP B 243 2.51 13.34 27.43
CA ASP B 243 1.78 13.15 28.69
C ASP B 243 2.72 13.25 29.89
N LYS B 244 3.95 12.75 29.74
CA LYS B 244 4.90 12.78 30.86
C LYS B 244 5.39 14.18 31.19
N LEU B 245 5.14 15.14 30.30
CA LEU B 245 5.63 16.51 30.49
C LEU B 245 4.66 17.33 31.33
N ARG B 246 3.40 16.92 31.38
CA ARG B 246 2.38 17.65 32.12
C ARG B 246 2.51 17.48 33.64
N ASP C 19 22.95 -1.98 23.28
CA ASP C 19 22.38 -3.22 22.78
C ASP C 19 20.89 -3.36 23.12
N GLN C 20 20.13 -3.88 22.16
CA GLN C 20 18.70 -4.12 22.30
C GLN C 20 18.46 -5.62 22.44
N ARG C 21 17.52 -5.99 23.29
CA ARG C 21 17.20 -7.39 23.49
C ARG C 21 15.80 -7.78 23.02
N PHE C 22 15.70 -8.92 22.32
CA PHE C 22 14.40 -9.50 21.98
C PHE C 22 14.51 -10.98 22.26
N GLY C 23 13.87 -11.44 23.33
CA GLY C 23 14.04 -12.82 23.72
C GLY C 23 15.48 -13.19 24.03
N ASP C 24 16.01 -14.16 23.29
CA ASP C 24 17.37 -14.65 23.50
C ASP C 24 18.34 -13.97 22.54
N LEU C 25 17.87 -12.99 21.79
CA LEU C 25 18.76 -12.32 20.83
C LEU C 25 19.17 -10.93 21.25
N VAL C 26 20.35 -10.54 20.77
CA VAL C 26 20.89 -9.21 21.06
C VAL C 26 21.12 -8.49 19.74
N PHE C 27 20.76 -7.21 19.72
CA PHE C 27 20.89 -6.40 18.54
C PHE C 27 21.72 -5.16 18.86
N ARG C 28 22.67 -4.84 17.99
CA ARG C 28 23.53 -3.66 18.15
C ARG C 28 23.52 -2.83 16.87
N GLN C 29 23.13 -1.57 16.97
CA GLN C 29 23.14 -0.72 15.78
C GLN C 29 24.59 -0.36 15.39
N LEU C 30 24.93 -0.58 14.13
CA LEU C 30 26.30 -0.32 13.67
C LEU C 30 26.34 0.94 12.83
N ALA C 31 25.23 1.23 12.17
CA ALA C 31 25.07 2.41 11.33
C ALA C 31 23.59 2.76 11.31
N PRO C 32 23.23 3.92 10.76
CA PRO C 32 21.82 4.35 10.75
C PRO C 32 20.88 3.28 10.20
N ASN C 33 21.34 2.52 9.21
CA ASN C 33 20.51 1.51 8.57
C ASN C 33 21.04 0.08 8.73
N VAL C 34 21.96 -0.13 9.66
CA VAL C 34 22.55 -1.45 9.85
C VAL C 34 22.64 -1.87 11.30
N TRP C 35 22.18 -3.10 11.56
CA TRP C 35 22.28 -3.70 12.89
C TRP C 35 22.98 -5.04 12.82
N GLN C 36 23.69 -5.38 13.88
CA GLN C 36 24.24 -6.72 14.03
C GLN C 36 23.30 -7.54 14.88
N HIS C 37 22.93 -8.74 14.42
CA HIS C 37 22.18 -9.64 15.30
C HIS C 37 23.09 -10.72 15.87
N THR C 38 22.95 -10.99 17.17
CA THR C 38 23.74 -12.00 17.84
C THR C 38 22.87 -13.04 18.54
N SER C 39 23.13 -14.31 18.26
CA SER C 39 22.46 -15.42 18.91
C SER C 39 23.49 -16.39 19.49
N TYR C 40 23.07 -17.19 20.46
CA TYR C 40 23.99 -18.05 21.21
C TYR C 40 23.57 -19.50 21.22
N LEU C 41 24.55 -20.39 21.19
CA LEU C 41 24.28 -21.82 21.28
C LEU C 41 25.29 -22.45 22.23
N ASP C 42 24.80 -23.30 23.14
CA ASP C 42 25.70 -24.00 24.07
C ASP C 42 26.35 -25.12 23.28
N MET C 43 27.65 -24.97 23.03
CA MET C 43 28.36 -25.87 22.16
C MET C 43 29.02 -27.02 22.93
N VAL C 49 28.61 -20.32 22.71
CA VAL C 49 29.22 -19.67 21.54
C VAL C 49 28.27 -18.69 20.84
N ALA C 50 28.77 -17.48 20.56
CA ALA C 50 28.01 -16.46 19.91
C ALA C 50 28.15 -16.54 18.38
N SER C 51 27.09 -16.21 17.65
CA SER C 51 27.21 -15.99 16.22
C SER C 51 26.51 -14.70 15.78
N ASN C 52 27.22 -13.89 14.95
CA ASN C 52 26.73 -12.59 14.47
C ASN C 52 26.30 -12.61 13.02
N GLY C 53 25.19 -11.92 12.73
CA GLY C 53 24.74 -11.67 11.37
C GLY C 53 24.37 -10.19 11.23
N LEU C 54 23.80 -9.82 10.09
CA LEU C 54 23.46 -8.43 9.84
C LEU C 54 22.01 -8.23 9.44
N ILE C 55 21.52 -7.04 9.75
CA ILE C 55 20.19 -6.58 9.34
C ILE C 55 20.37 -5.22 8.72
N VAL C 56 19.85 -5.04 7.51
CA VAL C 56 20.02 -3.79 6.78
C VAL C 56 18.67 -3.24 6.35
N ARG C 57 18.41 -1.98 6.70
CA ARG C 57 17.21 -1.29 6.20
C ARG C 57 17.55 -0.59 4.90
N ASP C 58 16.83 -0.93 3.85
CA ASP C 58 17.09 -0.34 2.56
C ASP C 58 15.78 0.17 1.96
N GLY C 59 15.45 1.44 2.24
CA GLY C 59 14.21 2.03 1.79
C GLY C 59 12.97 1.52 2.52
N GLY C 60 12.07 0.88 1.80
CA GLY C 60 10.85 0.36 2.40
C GLY C 60 10.93 -1.14 2.67
N ARG C 61 12.16 -1.66 2.78
CA ARG C 61 12.35 -3.08 3.02
C ARG C 61 13.58 -3.38 3.90
N VAL C 62 13.65 -4.60 4.40
CA VAL C 62 14.80 -5.02 5.22
C VAL C 62 15.49 -6.18 4.53
N LEU C 63 16.82 -6.23 4.64
CA LEU C 63 17.60 -7.33 4.09
C LEU C 63 18.33 -8.00 5.23
N VAL C 64 18.41 -9.33 5.22
CA VAL C 64 19.09 -10.03 6.30
C VAL C 64 20.30 -10.82 5.81
N VAL C 65 21.40 -10.75 6.55
CA VAL C 65 22.58 -11.58 6.29
C VAL C 65 22.73 -12.61 7.42
N ASP C 66 22.56 -13.88 7.05
CA ASP C 66 22.71 -15.04 7.92
C ASP C 66 21.54 -15.24 8.91
N THR C 67 21.19 -16.49 9.16
CA THR C 67 20.17 -16.81 10.15
C THR C 67 20.83 -16.85 11.51
N ALA C 68 20.03 -17.13 12.55
CA ALA C 68 20.60 -17.46 13.85
C ALA C 68 20.85 -18.97 13.86
N TRP C 69 21.31 -19.51 15.00
CA TRP C 69 21.59 -20.93 15.12
C TRP C 69 20.38 -21.83 14.87
N THR C 70 19.19 -21.38 15.27
CA THR C 70 17.99 -22.21 15.17
C THR C 70 16.81 -21.47 14.54
N ASP C 71 15.80 -22.23 14.14
CA ASP C 71 14.57 -21.65 13.60
C ASP C 71 13.92 -20.72 14.61
N ASP C 72 13.80 -21.16 15.87
CA ASP C 72 13.15 -20.29 16.85
C ASP C 72 13.89 -18.97 17.05
N GLN C 73 15.23 -19.02 17.12
CA GLN C 73 16.02 -17.81 17.28
C GLN C 73 15.86 -16.89 16.06
N THR C 74 15.79 -17.50 14.89
CA THR C 74 15.63 -16.73 13.66
C THR C 74 14.23 -16.10 13.59
N ALA C 75 13.24 -16.80 14.12
CA ALA C 75 11.90 -16.23 14.25
C ALA C 75 11.95 -14.99 15.15
N GLN C 76 12.78 -15.04 16.17
CA GLN C 76 12.92 -13.91 17.09
C GLN C 76 13.56 -12.70 16.38
N ILE C 77 14.52 -12.95 15.49
CA ILE C 77 15.06 -11.87 14.66
C ILE C 77 13.95 -11.21 13.84
N LEU C 78 13.10 -12.03 13.23
CA LEU C 78 12.04 -11.51 12.38
C LEU C 78 11.03 -10.69 13.19
N ASN C 79 10.71 -11.16 14.38
CA ASN C 79 9.79 -10.43 15.26
C ASN C 79 10.35 -9.10 15.76
N TRP C 80 11.65 -9.07 16.08
CA TRP C 80 12.30 -7.81 16.44
C TRP C 80 12.27 -6.82 15.26
N ILE C 81 12.58 -7.31 14.06
CA ILE C 81 12.53 -6.45 12.89
C ILE C 81 11.12 -5.84 12.72
N LYS C 82 10.09 -6.69 12.83
CA LYS C 82 8.72 -6.19 12.72
C LYS C 82 8.44 -5.09 13.77
N GLN C 83 8.88 -5.34 15.00
CA GLN C 83 8.63 -4.40 16.08
C GLN C 83 9.41 -3.09 15.99
N GLU C 84 10.69 -3.19 15.68
CA GLU C 84 11.58 -2.04 15.80
C GLU C 84 11.77 -1.28 14.49
N ILE C 85 11.61 -1.97 13.37
CA ILE C 85 11.81 -1.39 12.06
C ILE C 85 10.48 -1.29 11.32
N ASN C 86 9.65 -2.31 11.46
CA ASN C 86 8.31 -2.31 10.88
C ASN C 86 8.34 -2.14 9.37
N LEU C 87 9.23 -2.87 8.71
CA LEU C 87 9.26 -2.95 7.26
C LEU C 87 9.37 -4.43 6.86
N PRO C 88 8.86 -4.79 5.69
CA PRO C 88 8.93 -6.19 5.29
C PRO C 88 10.37 -6.63 5.00
N VAL C 89 10.70 -7.88 5.30
CA VAL C 89 12.02 -8.44 4.96
C VAL C 89 11.95 -8.99 3.55
N ALA C 90 12.70 -8.38 2.63
CA ALA C 90 12.62 -8.70 1.19
C ALA C 90 13.37 -9.98 0.85
N LEU C 91 14.50 -10.20 1.51
CA LEU C 91 15.35 -11.33 1.18
C LEU C 91 16.38 -11.57 2.29
N ALA C 92 16.96 -12.76 2.30
CA ALA C 92 18.06 -13.07 3.20
C ALA C 92 19.15 -13.79 2.41
N VAL C 93 20.41 -13.49 2.75
CA VAL C 93 21.56 -14.14 2.15
CA VAL C 93 21.55 -14.17 2.14
C VAL C 93 22.37 -14.82 3.25
N VAL C 94 22.76 -16.07 3.03
CA VAL C 94 23.48 -16.81 4.08
C VAL C 94 24.89 -17.14 3.56
N THR C 95 25.89 -17.08 4.44
CA THR C 95 27.27 -16.98 3.94
C THR C 95 28.08 -18.30 3.95
N HIS C 96 27.49 -19.38 4.46
CA HIS C 96 27.93 -20.73 4.11
C HIS C 96 27.10 -21.77 4.86
N ALA C 97 27.32 -23.04 4.52
CA ALA C 97 26.50 -24.13 5.03
C ALA C 97 27.02 -24.69 6.36
N HIS C 98 26.97 -23.88 7.40
CA HIS C 98 27.20 -24.34 8.78
C HIS C 98 25.98 -23.89 9.61
N GLN C 99 25.77 -24.51 10.77
CA GLN C 99 24.55 -24.27 11.53
C GLN C 99 24.35 -22.81 11.98
N ASP C 100 25.44 -22.11 12.28
CA ASP C 100 25.28 -20.76 12.78
C ASP C 100 24.81 -19.77 11.70
N LYS C 101 25.01 -20.13 10.43
CA LYS C 101 24.68 -19.27 9.29
C LYS C 101 23.40 -19.70 8.60
N MET C 102 23.08 -21.00 8.68
CA MET C 102 21.94 -21.55 7.94
C MET C 102 20.96 -22.36 8.79
N GLY C 103 21.17 -22.36 10.10
CA GLY C 103 20.33 -23.15 11.00
C GLY C 103 18.86 -22.73 11.03
N GLY C 104 18.57 -21.50 10.62
CA GLY C 104 17.20 -21.01 10.72
C GLY C 104 16.50 -20.81 9.38
N MET C 105 16.95 -21.52 8.35
CA MET C 105 16.38 -21.35 7.01
C MET C 105 14.85 -21.53 6.98
N ASP C 106 14.35 -22.54 7.69
CA ASP C 106 12.91 -22.82 7.65
C ASP C 106 12.08 -21.68 8.22
N ALA C 107 12.60 -21.00 9.24
CA ALA C 107 11.88 -19.86 9.81
C ALA C 107 11.73 -18.77 8.75
N LEU C 108 12.77 -18.60 7.93
CA LEU C 108 12.72 -17.64 6.83
C LEU C 108 11.67 -18.03 5.79
N HIS C 109 11.67 -19.30 5.42
CA HIS C 109 10.76 -19.78 4.38
C HIS C 109 9.31 -19.73 4.88
N ALA C 110 9.13 -20.08 6.15
CA ALA C 110 7.79 -20.01 6.76
C ALA C 110 7.24 -18.56 6.73
N ALA C 111 8.14 -17.58 6.75
CA ALA C 111 7.73 -16.18 6.75
C ALA C 111 7.56 -15.64 5.34
N GLY C 112 7.80 -16.47 4.35
CA GLY C 112 7.65 -16.08 2.95
C GLY C 112 8.82 -15.26 2.42
N ILE C 113 9.98 -15.40 3.06
CA ILE C 113 11.16 -14.62 2.68
C ILE C 113 12.01 -15.37 1.64
N ALA C 114 12.39 -14.67 0.57
CA ALA C 114 13.25 -15.27 -0.47
C ALA C 114 14.68 -15.42 0.06
N THR C 115 15.29 -16.61 -0.12
CA THR C 115 16.61 -16.87 0.45
C THR C 115 17.64 -17.21 -0.62
N TYR C 116 18.87 -16.77 -0.38
CA TYR C 116 19.97 -16.87 -1.33
C TYR C 116 21.20 -17.42 -0.64
N ALA C 117 21.95 -18.27 -1.34
CA ALA C 117 23.23 -18.76 -0.85
C ALA C 117 24.07 -19.12 -2.05
N ASN C 118 25.39 -19.17 -1.85
CA ASN C 118 26.31 -19.73 -2.84
C ASN C 118 25.75 -21.07 -3.33
N ALA C 119 25.81 -21.32 -4.64
CA ALA C 119 25.33 -22.60 -5.15
C ALA C 119 25.98 -23.75 -4.39
N LEU C 120 27.27 -23.61 -4.07
CA LEU C 120 27.97 -24.66 -3.36
C LEU C 120 27.40 -24.87 -1.97
N SER C 121 26.99 -23.79 -1.32
CA SER C 121 26.35 -23.90 -0.01
C SER C 121 25.07 -24.72 -0.10
N ASN C 122 24.31 -24.49 -1.16
CA ASN C 122 23.08 -25.25 -1.33
C ASN C 122 23.35 -26.71 -1.63
N GLN C 123 24.44 -26.98 -2.36
CA GLN C 123 24.83 -28.36 -2.66
C GLN C 123 25.27 -29.09 -1.39
N LEU C 124 25.98 -28.40 -0.49
CA LEU C 124 26.48 -29.00 0.75
C LEU C 124 25.40 -29.15 1.83
N ALA C 125 24.38 -28.32 1.72
CA ALA C 125 23.39 -28.17 2.80
C ALA C 125 22.81 -29.51 3.29
N PRO C 126 22.33 -30.36 2.37
CA PRO C 126 21.81 -31.66 2.85
C PRO C 126 22.84 -32.48 3.63
N GLN C 127 24.09 -32.52 3.17
CA GLN C 127 25.13 -33.27 3.87
C GLN C 127 25.39 -32.68 5.27
N GLU C 128 25.13 -31.39 5.42
CA GLU C 128 25.36 -30.70 6.69
C GLU C 128 24.12 -30.67 7.58
N GLY C 129 23.03 -31.28 7.15
CA GLY C 129 21.80 -31.26 7.92
C GLY C 129 21.11 -29.90 7.90
N MET C 130 21.38 -29.12 6.85
CA MET C 130 20.76 -27.81 6.71
C MET C 130 19.69 -27.87 5.62
N VAL C 131 18.73 -26.95 5.68
CA VAL C 131 17.79 -26.75 4.59
C VAL C 131 18.45 -25.79 3.58
N ALA C 132 18.47 -26.17 2.29
CA ALA C 132 19.09 -25.30 1.29
C ALA C 132 18.29 -24.01 1.07
N ALA C 133 18.97 -22.95 0.62
CA ALA C 133 18.27 -21.74 0.25
C ALA C 133 17.45 -21.96 -1.05
N GLN C 134 16.52 -21.06 -1.32
CA GLN C 134 15.64 -21.18 -2.49
C GLN C 134 16.33 -20.82 -3.79
N HIS C 135 17.36 -19.99 -3.70
CA HIS C 135 18.06 -19.49 -4.87
C HIS C 135 19.56 -19.66 -4.71
N SER C 136 20.24 -19.91 -5.82
CA SER C 136 21.69 -20.10 -5.81
C SER C 136 22.43 -18.92 -6.43
N LEU C 137 23.45 -18.42 -5.71
CA LEU C 137 24.31 -17.39 -6.24
C LEU C 137 25.46 -18.05 -7.00
N THR C 138 25.84 -17.45 -8.12
CA THR C 138 27.07 -17.90 -8.78
C THR C 138 27.97 -16.69 -8.97
N PHE C 139 29.25 -16.94 -9.22
CA PHE C 139 30.26 -15.90 -9.14
C PHE C 139 31.17 -15.87 -10.37
N ALA C 140 31.56 -14.65 -10.75
CA ALA C 140 32.49 -14.44 -11.84
C ALA C 140 33.89 -14.93 -11.43
N ALA C 141 34.79 -15.01 -12.40
CA ALA C 141 36.14 -15.45 -12.14
C ALA C 141 36.88 -14.48 -11.23
N ASN C 142 36.40 -13.24 -11.11
CA ASN C 142 37.07 -12.29 -10.22
C ASN C 142 36.47 -12.28 -8.80
N GLY C 143 35.56 -13.20 -8.54
CA GLY C 143 34.98 -13.36 -7.21
C GLY C 143 33.67 -12.61 -6.96
N TRP C 144 33.35 -11.62 -7.79
CA TRP C 144 32.13 -10.86 -7.59
C TRP C 144 30.88 -11.64 -8.04
N VAL C 145 29.80 -11.50 -7.28
CA VAL C 145 28.58 -12.22 -7.60
C VAL C 145 28.06 -11.82 -8.99
N GLU C 146 27.47 -12.76 -9.70
CA GLU C 146 26.85 -12.45 -10.98
C GLU C 146 25.51 -11.77 -10.66
N PRO C 147 25.39 -10.52 -11.05
CA PRO C 147 24.28 -9.66 -10.64
C PRO C 147 22.90 -10.26 -10.96
N ALA C 148 22.83 -11.03 -12.05
CA ALA C 148 21.55 -11.62 -12.43
C ALA C 148 21.09 -12.62 -11.38
N THR C 149 22.03 -13.17 -10.61
CA THR C 149 21.68 -14.18 -9.61
C THR C 149 21.36 -13.58 -8.25
N ALA C 150 21.57 -12.28 -8.12
CA ALA C 150 21.33 -11.56 -6.87
C ALA C 150 20.40 -10.37 -7.10
N PRO C 151 19.14 -10.64 -7.47
CA PRO C 151 18.25 -9.53 -7.84
C PRO C 151 17.85 -8.65 -6.67
N ASN C 152 17.90 -7.34 -6.89
CA ASN C 152 17.46 -6.36 -5.92
C ASN C 152 18.18 -6.44 -4.59
N PHE C 153 19.49 -6.66 -4.63
CA PHE C 153 20.24 -6.79 -3.38
C PHE C 153 20.58 -5.43 -2.79
N GLY C 154 20.20 -4.37 -3.50
CA GLY C 154 20.42 -3.01 -3.02
C GLY C 154 21.89 -2.77 -2.70
N PRO C 155 22.16 -2.32 -1.46
CA PRO C 155 23.53 -2.03 -1.05
C PRO C 155 24.38 -3.26 -0.71
N LEU C 156 23.79 -4.46 -0.71
CA LEU C 156 24.58 -5.66 -0.38
C LEU C 156 25.44 -6.01 -1.59
N LYS C 157 26.76 -5.99 -1.41
CA LYS C 157 27.70 -6.36 -2.48
C LYS C 157 28.35 -7.68 -2.11
N VAL C 158 28.00 -8.74 -2.83
CA VAL C 158 28.41 -10.08 -2.44
C VAL C 158 29.67 -10.53 -3.19
N PHE C 159 30.66 -10.99 -2.42
CA PHE C 159 31.97 -11.36 -2.95
C PHE C 159 32.38 -12.74 -2.42
N TYR C 160 32.73 -13.63 -3.34
CA TYR C 160 33.32 -14.90 -2.96
C TYR C 160 34.85 -14.80 -3.03
N PRO C 161 35.53 -14.86 -1.87
CA PRO C 161 36.96 -14.55 -1.85
C PRO C 161 37.83 -15.73 -2.21
N GLY C 162 37.21 -16.90 -2.34
CA GLY C 162 37.94 -18.14 -2.51
C GLY C 162 37.82 -18.99 -1.26
N PRO C 163 38.25 -20.26 -1.37
CA PRO C 163 38.12 -21.16 -0.22
C PRO C 163 39.05 -20.78 0.92
N GLY C 164 38.56 -20.95 2.14
CA GLY C 164 39.34 -20.63 3.32
C GLY C 164 38.83 -21.39 4.53
N HIS C 165 37.97 -20.74 5.30
CA HIS C 165 37.27 -21.38 6.41
C HIS C 165 36.53 -22.62 5.91
N THR C 166 35.84 -22.44 4.79
CA THR C 166 35.21 -23.54 4.07
C THR C 166 35.40 -23.31 2.58
N SER C 167 34.99 -24.28 1.77
CA SER C 167 35.05 -24.10 0.33
C SER C 167 34.01 -23.10 -0.14
N ASP C 168 32.91 -22.96 0.60
CA ASP C 168 31.81 -22.15 0.10
C ASP C 168 31.65 -20.75 0.72
N ASN C 169 32.54 -20.36 1.65
CA ASN C 169 32.31 -19.09 2.37
C ASN C 169 32.23 -17.86 1.46
N ILE C 170 31.21 -17.03 1.70
CA ILE C 170 31.09 -15.76 0.98
C ILE C 170 31.04 -14.59 1.96
N THR C 171 31.21 -13.39 1.42
CA THR C 171 31.34 -12.17 2.21
C THR C 171 30.46 -11.08 1.60
N VAL C 172 30.16 -10.06 2.38
CA VAL C 172 29.23 -9.04 1.92
C VAL C 172 29.67 -7.67 2.38
N GLY C 173 29.75 -6.71 1.46
CA GLY C 173 29.99 -5.33 1.84
C GLY C 173 28.65 -4.59 1.79
N ILE C 174 28.53 -3.53 2.60
CA ILE C 174 27.32 -2.72 2.59
C ILE C 174 27.66 -1.36 2.03
N ASP C 175 27.29 -1.14 0.77
CA ASP C 175 27.57 0.12 0.11
C ASP C 175 26.92 1.27 0.86
N GLY C 176 27.62 2.39 0.91
CA GLY C 176 27.12 3.57 1.58
C GLY C 176 27.48 3.60 3.06
N THR C 177 28.22 2.59 3.51
CA THR C 177 28.67 2.49 4.88
C THR C 177 30.15 2.13 4.90
N ASP C 178 30.75 2.07 6.09
CA ASP C 178 32.16 1.65 6.21
C ASP C 178 32.27 0.18 6.60
N ILE C 179 31.19 -0.57 6.38
CA ILE C 179 31.10 -1.92 6.90
C ILE C 179 31.30 -3.01 5.85
N ALA C 180 32.12 -3.99 6.20
CA ALA C 180 32.24 -5.20 5.40
C ALA C 180 32.15 -6.41 6.33
N PHE C 181 31.42 -7.43 5.88
CA PHE C 181 31.14 -8.62 6.68
C PHE C 181 31.95 -9.81 6.20
N GLY C 182 32.87 -10.27 7.03
CA GLY C 182 33.75 -11.38 6.66
C GLY C 182 33.21 -12.74 7.02
N GLY C 183 32.08 -12.76 7.73
CA GLY C 183 31.47 -14.01 8.15
C GLY C 183 32.46 -14.79 9.01
N CYS C 184 32.55 -16.10 8.81
CA CYS C 184 33.44 -16.89 9.66
C CYS C 184 34.86 -17.01 9.10
N LEU C 185 35.08 -16.45 7.91
CA LEU C 185 36.41 -16.44 7.28
C LEU C 185 37.39 -15.59 8.08
N ILE C 186 36.91 -14.45 8.56
CA ILE C 186 37.75 -13.49 9.27
C ILE C 186 37.59 -13.61 10.80
N LYS C 187 38.74 -13.67 11.48
CA LYS C 187 38.81 -13.69 12.94
C LYS C 187 39.31 -12.34 13.44
N ASP C 188 39.06 -12.01 14.71
CA ASP C 188 39.48 -10.71 15.24
C ASP C 188 41.01 -10.62 15.43
N SER C 189 41.53 -9.40 15.54
CA SER C 189 42.96 -9.14 15.60
C SER C 189 43.66 -9.72 16.84
N LYS C 190 42.89 -10.22 17.80
CA LYS C 190 43.50 -10.83 18.99
C LYS C 190 43.37 -12.35 19.02
N ALA C 191 42.80 -12.92 17.97
CA ALA C 191 42.59 -14.37 17.89
C ALA C 191 43.93 -15.10 17.93
N LYS C 192 43.94 -16.26 18.59
CA LYS C 192 45.15 -17.03 18.76
C LYS C 192 45.24 -18.11 17.69
N SER C 193 44.13 -18.38 17.01
CA SER C 193 44.15 -19.37 15.94
C SER C 193 42.91 -19.26 15.05
N LEU C 194 42.93 -19.97 13.93
CA LEU C 194 41.85 -19.89 12.96
C LEU C 194 40.73 -20.90 13.19
N GLY C 195 40.95 -21.87 14.07
CA GLY C 195 39.89 -22.82 14.34
C GLY C 195 39.60 -23.70 13.14
N ASN C 196 40.52 -23.74 12.18
CA ASN C 196 40.28 -24.47 10.94
C ASN C 196 40.10 -25.97 11.15
N LEU C 197 39.11 -26.54 10.46
CA LEU C 197 38.82 -27.95 10.59
C LEU C 197 39.02 -28.60 9.25
N GLY C 198 38.45 -29.79 9.10
CA GLY C 198 38.55 -30.59 7.89
C GLY C 198 38.20 -29.87 6.60
N ASP C 199 37.15 -29.05 6.66
CA ASP C 199 36.68 -28.42 5.44
C ASP C 199 37.34 -27.08 5.14
N ALA C 200 38.40 -26.75 5.88
CA ALA C 200 39.19 -25.56 5.57
C ALA C 200 40.13 -25.87 4.43
N ASP C 201 40.43 -24.86 3.63
CA ASP C 201 41.48 -24.92 2.60
C ASP C 201 42.67 -24.14 3.14
N THR C 202 43.65 -24.83 3.71
CA THR C 202 44.74 -24.14 4.39
C THR C 202 45.76 -23.56 3.42
N GLU C 203 45.72 -24.06 2.21
CA GLU C 203 46.56 -23.60 1.14
C GLU C 203 46.14 -22.24 0.64
N HIS C 204 44.85 -22.03 0.52
CA HIS C 204 44.33 -20.78 -0.06
C HIS C 204 43.74 -19.79 0.96
N TYR C 205 43.68 -20.18 2.23
CA TYR C 205 43.02 -19.34 3.26
C TYR C 205 43.59 -17.92 3.30
N ALA C 206 44.92 -17.80 3.31
CA ALA C 206 45.55 -16.50 3.40
C ALA C 206 45.15 -15.61 2.22
N ALA C 207 45.23 -16.17 1.02
CA ALA C 207 44.90 -15.44 -0.21
C ALA C 207 43.42 -15.03 -0.21
N SER C 208 42.56 -15.89 0.31
CA SER C 208 41.14 -15.57 0.36
C SER C 208 40.87 -14.42 1.32
N ALA C 209 41.54 -14.42 2.47
CA ALA C 209 41.41 -13.33 3.44
C ALA C 209 41.88 -12.01 2.84
N ARG C 210 43.01 -12.06 2.12
CA ARG C 210 43.53 -10.87 1.47
C ARG C 210 42.60 -10.41 0.37
N ALA C 211 41.98 -11.37 -0.34
CA ALA C 211 41.02 -11.03 -1.39
C ALA C 211 39.80 -10.29 -0.84
N PHE C 212 39.31 -10.75 0.30
CA PHE C 212 38.22 -10.07 0.99
C PHE C 212 38.59 -8.61 1.27
N GLY C 213 39.76 -8.41 1.86
CA GLY C 213 40.26 -7.06 2.13
C GLY C 213 40.34 -6.22 0.87
N ALA C 214 40.86 -6.79 -0.21
CA ALA C 214 41.02 -6.04 -1.45
C ALA C 214 39.67 -5.75 -2.12
N ALA C 215 38.67 -6.60 -1.86
CA ALA C 215 37.37 -6.41 -2.48
C ALA C 215 36.64 -5.22 -1.86
N PHE C 216 36.90 -4.99 -0.57
CA PHE C 216 36.29 -3.90 0.19
C PHE C 216 37.40 -3.05 0.81
N PRO C 217 38.23 -2.40 -0.02
CA PRO C 217 39.47 -1.78 0.45
C PRO C 217 39.27 -0.58 1.37
N LYS C 218 38.09 0.03 1.35
CA LYS C 218 37.83 1.23 2.15
C LYS C 218 37.05 0.94 3.43
N ALA C 219 36.61 -0.30 3.62
CA ALA C 219 35.84 -0.65 4.83
C ALA C 219 36.70 -0.52 6.10
N SER C 220 36.20 0.21 7.10
CA SER C 220 36.95 0.42 8.33
C SER C 220 36.36 -0.36 9.50
N MET C 221 35.12 -0.82 9.33
CA MET C 221 34.50 -1.66 10.33
C MET C 221 34.31 -3.05 9.76
N ILE C 222 35.06 -4.00 10.29
CA ILE C 222 35.00 -5.38 9.84
C ILE C 222 34.13 -6.19 10.82
N VAL C 223 32.97 -6.61 10.34
CA VAL C 223 32.05 -7.42 11.14
C VAL C 223 32.31 -8.88 10.84
N MET C 224 32.26 -9.72 11.87
CA MET C 224 32.52 -11.14 11.67
C MET C 224 31.63 -11.98 12.58
N SER C 225 31.61 -13.28 12.32
CA SER C 225 30.65 -14.16 12.97
C SER C 225 30.90 -14.40 14.45
N HIS C 226 32.17 -14.47 14.88
CA HIS C 226 32.42 -14.94 16.24
C HIS C 226 33.28 -14.00 17.07
N SER C 227 33.31 -12.74 16.67
CA SER C 227 33.96 -11.70 17.46
C SER C 227 33.19 -10.41 17.23
N ALA C 228 33.34 -9.46 18.16
CA ALA C 228 32.75 -8.14 17.99
C ALA C 228 33.44 -7.42 16.85
N PRO C 229 32.79 -6.41 16.26
CA PRO C 229 33.38 -5.68 15.13
C PRO C 229 34.78 -5.17 15.43
N ASP C 230 35.65 -5.19 14.43
CA ASP C 230 37.05 -4.85 14.62
C ASP C 230 37.50 -3.96 13.47
N SER C 231 38.75 -3.49 13.54
CA SER C 231 39.36 -2.72 12.45
C SER C 231 39.88 -3.66 11.36
N ARG C 232 40.51 -3.09 10.34
CA ARG C 232 41.12 -3.91 9.29
C ARG C 232 42.24 -4.82 9.79
N ALA C 233 42.69 -4.60 11.03
CA ALA C 233 43.69 -5.49 11.65
C ALA C 233 43.18 -6.93 11.74
N ALA C 234 41.87 -7.11 11.77
CA ALA C 234 41.29 -8.44 11.77
C ALA C 234 41.68 -9.18 10.49
N ILE C 235 41.65 -8.45 9.38
CA ILE C 235 41.95 -9.02 8.08
C ILE C 235 43.45 -9.37 7.99
N THR C 236 44.30 -8.42 8.35
CA THR C 236 45.74 -8.65 8.25
C THR C 236 46.20 -9.71 9.23
N HIS C 237 45.62 -9.72 10.43
CA HIS C 237 45.98 -10.72 11.43
C HIS C 237 45.49 -12.11 11.00
N THR C 238 44.28 -12.19 10.45
CA THR C 238 43.75 -13.45 9.93
C THR C 238 44.64 -14.00 8.82
N ALA C 239 45.03 -13.12 7.89
CA ALA C 239 45.90 -13.54 6.80
C ALA C 239 47.26 -14.02 7.33
N ARG C 240 47.79 -13.34 8.34
CA ARG C 240 49.08 -13.72 8.90
C ARG C 240 49.02 -15.10 9.56
N MET C 241 47.96 -15.34 10.33
CA MET C 241 47.75 -16.66 10.91
C MET C 241 47.60 -17.72 9.83
N ALA C 242 46.95 -17.35 8.73
CA ALA C 242 46.72 -18.30 7.65
C ALA C 242 48.02 -18.63 6.92
N ASP C 243 48.94 -17.66 6.81
CA ASP C 243 50.25 -17.92 6.19
C ASP C 243 50.95 -19.06 6.93
N LYS C 244 50.73 -19.12 8.25
CA LYS C 244 51.31 -20.12 9.16
C LYS C 244 50.68 -21.50 9.06
N LEU C 245 49.59 -21.64 8.33
CA LEU C 245 48.97 -22.95 8.21
C LEU C 245 49.58 -23.69 7.02
N ARG C 246 50.04 -22.91 6.05
CA ARG C 246 50.59 -23.42 4.80
C ARG C 246 51.93 -24.12 5.02
N THR D 17 -28.19 -19.85 -4.78
CA THR D 17 -28.75 -19.58 -6.10
C THR D 17 -29.55 -18.29 -6.13
N GLY D 18 -29.39 -17.52 -7.21
CA GLY D 18 -30.07 -16.26 -7.37
C GLY D 18 -29.32 -15.11 -6.72
N ASP D 19 -28.26 -15.46 -6.00
CA ASP D 19 -27.42 -14.47 -5.33
C ASP D 19 -26.20 -14.11 -6.16
N GLN D 20 -25.85 -12.82 -6.17
CA GLN D 20 -24.64 -12.39 -6.86
C GLN D 20 -23.61 -11.99 -5.82
N ARG D 21 -22.37 -12.43 -6.04
CA ARG D 21 -21.27 -12.08 -5.15
C ARG D 21 -20.43 -10.98 -5.78
N PHE D 22 -20.24 -9.90 -5.04
CA PHE D 22 -19.56 -8.73 -5.56
C PHE D 22 -18.61 -8.23 -4.49
N GLY D 23 -17.32 -8.39 -4.76
CA GLY D 23 -16.31 -8.20 -3.74
C GLY D 23 -16.63 -9.19 -2.64
N ASP D 24 -16.72 -8.70 -1.41
CA ASP D 24 -17.02 -9.57 -0.28
C ASP D 24 -18.49 -9.45 0.15
N LEU D 25 -19.29 -8.79 -0.69
CA LEU D 25 -20.71 -8.59 -0.43
C LEU D 25 -21.59 -9.48 -1.31
N VAL D 26 -22.82 -9.72 -0.86
CA VAL D 26 -23.77 -10.49 -1.64
C VAL D 26 -25.03 -9.66 -1.94
N PHE D 27 -25.49 -9.74 -3.19
CA PHE D 27 -26.65 -8.97 -3.64
C PHE D 27 -27.71 -9.91 -4.21
N ARG D 28 -28.94 -9.71 -3.77
CA ARG D 28 -30.06 -10.54 -4.18
C ARG D 28 -31.23 -9.69 -4.64
N GLN D 29 -31.69 -9.91 -5.87
CA GLN D 29 -32.87 -9.19 -6.34
C GLN D 29 -34.13 -9.75 -5.69
N LEU D 30 -34.94 -8.86 -5.11
CA LEU D 30 -36.15 -9.27 -4.40
C LEU D 30 -37.40 -8.97 -5.21
N ALA D 31 -37.31 -7.93 -6.03
CA ALA D 31 -38.40 -7.51 -6.90
C ALA D 31 -37.76 -6.75 -8.06
N PRO D 32 -38.55 -6.43 -9.10
CA PRO D 32 -38.04 -5.77 -10.30
C PRO D 32 -37.16 -4.55 -10.03
N ASN D 33 -37.46 -3.81 -8.97
CA ASN D 33 -36.69 -2.63 -8.61
C ASN D 33 -36.10 -2.65 -7.21
N VAL D 34 -36.01 -3.83 -6.60
CA VAL D 34 -35.53 -3.88 -5.22
C VAL D 34 -34.52 -5.01 -5.04
N TRP D 35 -33.39 -4.66 -4.44
CA TRP D 35 -32.34 -5.63 -4.14
C TRP D 35 -31.98 -5.59 -2.67
N GLN D 36 -31.56 -6.74 -2.15
CA GLN D 36 -31.02 -6.83 -0.80
C GLN D 36 -29.50 -6.83 -0.84
N HIS D 37 -28.86 -5.97 -0.05
CA HIS D 37 -27.41 -6.06 0.09
C HIS D 37 -27.06 -6.72 1.42
N THR D 38 -26.06 -7.61 1.37
CA THR D 38 -25.61 -8.34 2.56
C THR D 38 -24.10 -8.18 2.75
N SER D 39 -23.71 -7.83 3.97
CA SER D 39 -22.29 -7.74 4.32
C SER D 39 -22.00 -8.56 5.57
N TYR D 40 -20.73 -8.93 5.77
CA TYR D 40 -20.38 -9.83 6.87
C TYR D 40 -19.30 -9.22 7.75
N LEU D 41 -19.42 -9.46 9.05
CA LEU D 41 -18.45 -9.00 10.02
C LEU D 41 -18.15 -10.06 11.07
N ASP D 42 -16.88 -10.27 11.39
CA ASP D 42 -16.54 -11.18 12.49
C ASP D 42 -17.26 -10.79 13.78
N VAL D 49 -20.84 -12.65 10.75
CA VAL D 49 -22.22 -12.24 11.01
C VAL D 49 -22.74 -11.36 9.89
N ALA D 50 -23.84 -11.79 9.30
CA ALA D 50 -24.43 -11.09 8.19
C ALA D 50 -25.33 -9.93 8.62
N SER D 51 -25.38 -8.88 7.81
CA SER D 51 -26.41 -7.83 7.95
C SER D 51 -26.95 -7.45 6.60
N ASN D 52 -28.29 -7.33 6.52
CA ASN D 52 -29.00 -7.04 5.27
C ASN D 52 -29.53 -5.61 5.20
N GLY D 53 -29.41 -5.00 4.03
CA GLY D 53 -30.08 -3.73 3.75
C GLY D 53 -30.77 -3.80 2.41
N LEU D 54 -31.28 -2.67 1.94
CA LEU D 54 -32.01 -2.67 0.67
C LEU D 54 -31.45 -1.64 -0.29
N ILE D 55 -31.65 -1.91 -1.58
CA ILE D 55 -31.32 -0.99 -2.65
C ILE D 55 -32.59 -0.86 -3.49
N VAL D 56 -33.05 0.36 -3.74
CA VAL D 56 -34.30 0.53 -4.46
C VAL D 56 -34.11 1.44 -5.67
N ARG D 57 -34.48 0.95 -6.86
CA ARG D 57 -34.48 1.77 -8.06
C ARG D 57 -35.83 2.44 -8.25
N ASP D 58 -35.82 3.78 -8.27
CA ASP D 58 -37.02 4.59 -8.38
C ASP D 58 -36.87 5.57 -9.53
N GLY D 59 -37.35 5.20 -10.71
CA GLY D 59 -37.21 6.06 -11.86
C GLY D 59 -35.76 6.19 -12.26
N GLY D 60 -35.24 7.43 -12.25
CA GLY D 60 -33.87 7.66 -12.63
C GLY D 60 -32.91 7.83 -11.47
N ARG D 61 -33.29 7.32 -10.29
CA ARG D 61 -32.42 7.45 -9.12
C ARG D 61 -32.45 6.19 -8.29
N VAL D 62 -31.49 6.05 -7.40
CA VAL D 62 -31.43 4.91 -6.49
C VAL D 62 -31.53 5.39 -5.05
N LEU D 63 -32.22 4.61 -4.22
CA LEU D 63 -32.36 4.90 -2.79
C LEU D 63 -31.78 3.73 -1.99
N VAL D 64 -31.06 4.02 -0.90
CA VAL D 64 -30.46 2.96 -0.10
C VAL D 64 -31.02 2.90 1.32
N VAL D 65 -31.30 1.68 1.80
CA VAL D 65 -31.70 1.49 3.19
C VAL D 65 -30.58 0.75 3.92
N ASP D 66 -29.98 1.45 4.90
CA ASP D 66 -28.91 0.95 5.76
C ASP D 66 -27.54 0.86 5.08
N THR D 67 -26.49 1.15 5.84
CA THR D 67 -25.15 0.96 5.31
C THR D 67 -24.75 -0.49 5.55
N ALA D 68 -23.52 -0.83 5.15
CA ALA D 68 -22.93 -2.09 5.56
C ALA D 68 -22.21 -1.86 6.90
N TRP D 69 -21.55 -2.89 7.41
CA TRP D 69 -20.82 -2.79 8.67
C TRP D 69 -19.72 -1.73 8.66
N THR D 70 -19.04 -1.57 7.52
CA THR D 70 -17.89 -0.68 7.43
C THR D 70 -17.94 0.28 6.26
N ASP D 71 -17.10 1.32 6.30
CA ASP D 71 -17.00 2.26 5.20
C ASP D 71 -16.57 1.57 3.91
N ASP D 72 -15.57 0.69 4.00
CA ASP D 72 -15.07 -0.01 2.83
C ASP D 72 -16.13 -0.87 2.17
N GLN D 73 -16.89 -1.60 2.99
CA GLN D 73 -17.98 -2.43 2.50
C GLN D 73 -19.08 -1.60 1.87
N THR D 74 -19.38 -0.45 2.46
CA THR D 74 -20.43 0.43 1.96
C THR D 74 -20.02 1.06 0.62
N ALA D 75 -18.73 1.35 0.47
CA ALA D 75 -18.24 1.80 -0.83
C ALA D 75 -18.54 0.75 -1.89
N GLN D 76 -18.44 -0.53 -1.51
CA GLN D 76 -18.74 -1.63 -2.43
C GLN D 76 -20.22 -1.71 -2.80
N ILE D 77 -21.10 -1.34 -1.88
CA ILE D 77 -22.52 -1.19 -2.23
C ILE D 77 -22.69 -0.17 -3.35
N LEU D 78 -22.01 0.96 -3.21
CA LEU D 78 -22.09 2.01 -4.21
C LEU D 78 -21.49 1.53 -5.55
N ASN D 79 -20.40 0.78 -5.47
CA ASN D 79 -19.77 0.27 -6.68
C ASN D 79 -20.68 -0.70 -7.43
N TRP D 80 -21.37 -1.55 -6.66
CA TRP D 80 -22.33 -2.49 -7.25
C TRP D 80 -23.46 -1.74 -7.95
N ILE D 81 -23.99 -0.70 -7.29
CA ILE D 81 -25.06 0.09 -7.88
C ILE D 81 -24.59 0.65 -9.24
N LYS D 82 -23.37 1.20 -9.24
CA LYS D 82 -22.75 1.70 -10.47
C LYS D 82 -22.67 0.62 -11.54
N GLN D 83 -22.25 -0.58 -11.14
CA GLN D 83 -22.06 -1.68 -12.07
C GLN D 83 -23.38 -2.22 -12.62
N GLU D 84 -24.37 -2.43 -11.75
CA GLU D 84 -25.59 -3.11 -12.17
C GLU D 84 -26.74 -2.19 -12.54
N ILE D 85 -26.78 -0.99 -11.95
CA ILE D 85 -27.90 -0.09 -12.17
C ILE D 85 -27.49 1.18 -12.90
N ASN D 86 -26.35 1.75 -12.52
CA ASN D 86 -25.79 2.92 -13.18
C ASN D 86 -26.70 4.16 -13.13
N LEU D 87 -27.27 4.41 -11.95
CA LEU D 87 -28.06 5.61 -11.69
C LEU D 87 -27.53 6.25 -10.40
N PRO D 88 -27.69 7.58 -10.27
CA PRO D 88 -27.20 8.26 -9.07
C PRO D 88 -27.97 7.84 -7.81
N VAL D 89 -27.25 7.77 -6.69
CA VAL D 89 -27.85 7.45 -5.42
C VAL D 89 -28.30 8.74 -4.79
N ALA D 90 -29.62 8.92 -4.66
CA ALA D 90 -30.20 10.18 -4.21
C ALA D 90 -30.11 10.36 -2.70
N LEU D 91 -30.29 9.28 -1.97
CA LEU D 91 -30.35 9.36 -0.51
C LEU D 91 -30.23 7.99 0.12
N ALA D 92 -29.90 7.97 1.41
CA ALA D 92 -29.90 6.75 2.17
C ALA D 92 -30.61 7.00 3.50
N VAL D 93 -31.39 6.01 3.92
CA VAL D 93 -32.03 6.04 5.23
CA VAL D 93 -32.00 6.05 5.24
C VAL D 93 -31.46 4.89 6.05
N VAL D 94 -31.09 5.15 7.30
CA VAL D 94 -30.51 4.11 8.14
C VAL D 94 -31.44 3.87 9.32
N THR D 95 -31.60 2.61 9.74
CA THR D 95 -32.77 2.29 10.55
C THR D 95 -32.54 2.19 12.07
N HIS D 96 -31.28 2.31 12.52
CA HIS D 96 -31.00 2.68 13.91
C HIS D 96 -29.50 2.77 14.15
N ALA D 97 -29.13 3.23 15.32
CA ALA D 97 -27.74 3.54 15.61
C ALA D 97 -26.96 2.33 16.14
N HIS D 98 -26.81 1.31 15.29
CA HIS D 98 -25.89 0.20 15.54
C HIS D 98 -24.94 0.06 14.34
N GLN D 99 -23.80 -0.58 14.55
CA GLN D 99 -22.73 -0.62 13.54
C GLN D 99 -23.17 -1.27 12.22
N ASP D 100 -24.04 -2.27 12.29
CA ASP D 100 -24.46 -2.94 11.06
C ASP D 100 -25.33 -2.05 10.17
N LYS D 101 -25.96 -1.03 10.76
CA LYS D 101 -26.88 -0.14 10.05
C LYS D 101 -26.24 1.21 9.70
N MET D 102 -25.26 1.65 10.50
CA MET D 102 -24.69 2.99 10.36
C MET D 102 -23.16 3.02 10.29
N GLY D 103 -22.54 1.84 10.22
CA GLY D 103 -21.10 1.75 10.26
C GLY D 103 -20.39 2.40 9.08
N GLY D 104 -21.11 2.60 7.99
CA GLY D 104 -20.50 3.13 6.78
C GLY D 104 -20.95 4.52 6.38
N MET D 105 -21.41 5.31 7.35
CA MET D 105 -21.94 6.65 7.07
C MET D 105 -20.91 7.51 6.32
N ASP D 106 -19.65 7.43 6.71
CA ASP D 106 -18.61 8.26 6.08
C ASP D 106 -18.47 7.97 4.58
N ALA D 107 -18.58 6.71 4.18
CA ALA D 107 -18.49 6.36 2.75
C ALA D 107 -19.62 7.02 1.96
N LEU D 108 -20.80 7.09 2.55
CA LEU D 108 -21.92 7.74 1.89
C LEU D 108 -21.68 9.25 1.78
N HIS D 109 -21.20 9.84 2.86
CA HIS D 109 -21.00 11.28 2.88
C HIS D 109 -19.88 11.65 1.89
N ALA D 110 -18.85 10.82 1.83
CA ALA D 110 -17.74 11.05 0.90
C ALA D 110 -18.20 11.04 -0.56
N ALA D 111 -19.28 10.29 -0.85
CA ALA D 111 -19.82 10.19 -2.19
C ALA D 111 -20.87 11.26 -2.48
N GLY D 112 -21.12 12.11 -1.50
CA GLY D 112 -22.06 13.22 -1.65
C GLY D 112 -23.52 12.81 -1.53
N ILE D 113 -23.77 11.70 -0.84
CA ILE D 113 -25.13 11.18 -0.71
C ILE D 113 -25.81 11.73 0.55
N ALA D 114 -27.02 12.25 0.40
CA ALA D 114 -27.78 12.77 1.55
C ALA D 114 -28.25 11.62 2.44
N THR D 115 -28.07 11.76 3.75
CA THR D 115 -28.42 10.68 4.68
C THR D 115 -29.46 11.12 5.70
N TYR D 116 -30.33 10.18 6.06
CA TYR D 116 -31.45 10.42 6.94
C TYR D 116 -31.49 9.36 8.04
N ALA D 117 -31.83 9.77 9.24
CA ALA D 117 -32.04 8.79 10.31
C ALA D 117 -33.02 9.41 11.29
N ASN D 118 -33.70 8.56 12.05
CA ASN D 118 -34.50 9.02 13.19
C ASN D 118 -33.67 10.03 13.99
N ALA D 119 -34.26 11.15 14.37
CA ALA D 119 -33.58 12.14 15.20
C ALA D 119 -32.89 11.46 16.38
N LEU D 120 -33.59 10.49 16.95
CA LEU D 120 -33.07 9.74 18.09
C LEU D 120 -31.81 8.93 17.75
N SER D 121 -31.76 8.36 16.55
CA SER D 121 -30.57 7.65 16.09
C SER D 121 -29.37 8.60 16.01
N ASN D 122 -29.63 9.82 15.52
CA ASN D 122 -28.57 10.82 15.41
C ASN D 122 -28.11 11.29 16.78
N GLN D 123 -29.05 11.36 17.73
CA GLN D 123 -28.72 11.71 19.10
C GLN D 123 -27.88 10.60 19.75
N LEU D 124 -28.21 9.35 19.45
CA LEU D 124 -27.49 8.22 20.03
C LEU D 124 -26.12 7.97 19.37
N ALA D 125 -25.99 8.42 18.13
CA ALA D 125 -24.86 8.03 17.30
C ALA D 125 -23.49 8.21 17.97
N PRO D 126 -23.19 9.40 18.53
CA PRO D 126 -21.90 9.57 19.20
C PRO D 126 -21.60 8.55 20.33
N GLN D 127 -22.56 8.27 21.22
CA GLN D 127 -22.40 7.26 22.28
C GLN D 127 -22.26 5.84 21.72
N GLU D 128 -22.79 5.62 20.53
CA GLU D 128 -22.67 4.31 19.88
C GLU D 128 -21.43 4.22 19.01
N GLY D 129 -20.63 5.28 18.97
CA GLY D 129 -19.44 5.27 18.12
C GLY D 129 -19.75 5.36 16.64
N MET D 130 -20.91 5.92 16.32
CA MET D 130 -21.34 6.07 14.93
C MET D 130 -21.25 7.53 14.48
N VAL D 131 -21.13 7.73 13.17
CA VAL D 131 -21.26 9.05 12.59
C VAL D 131 -22.74 9.30 12.33
N ALA D 132 -23.26 10.45 12.77
CA ALA D 132 -24.68 10.76 12.60
C ALA D 132 -25.04 11.04 11.13
N ALA D 133 -26.28 10.77 10.76
CA ALA D 133 -26.78 11.15 9.46
C ALA D 133 -26.88 12.68 9.37
N GLN D 134 -26.95 13.18 8.14
CA GLN D 134 -26.98 14.62 7.91
C GLN D 134 -28.33 15.24 8.25
N HIS D 135 -29.37 14.42 8.18
CA HIS D 135 -30.74 14.89 8.38
C HIS D 135 -31.45 14.01 9.39
N SER D 136 -32.34 14.63 10.16
CA SER D 136 -33.11 13.92 11.19
C SER D 136 -34.58 13.75 10.77
N LEU D 137 -35.08 12.52 10.88
CA LEU D 137 -36.49 12.22 10.67
C LEU D 137 -37.25 12.38 11.98
N THR D 138 -38.46 12.93 11.90
CA THR D 138 -39.34 12.96 13.07
C THR D 138 -40.63 12.26 12.67
N PHE D 139 -41.42 11.86 13.66
CA PHE D 139 -42.57 11.00 13.41
C PHE D 139 -43.81 11.52 14.11
N ALA D 140 -44.95 11.39 13.44
CA ALA D 140 -46.23 11.73 14.04
C ALA D 140 -46.60 10.75 15.15
N ALA D 141 -47.64 11.09 15.91
CA ALA D 141 -48.08 10.23 16.99
C ALA D 141 -48.58 8.86 16.51
N ASN D 142 -48.93 8.73 15.22
CA ASN D 142 -49.35 7.43 14.72
C ASN D 142 -48.18 6.63 14.13
N GLY D 143 -46.96 7.15 14.28
CA GLY D 143 -45.77 6.43 13.87
C GLY D 143 -45.25 6.76 12.48
N TRP D 144 -46.07 7.38 11.64
CA TRP D 144 -45.61 7.67 10.27
C TRP D 144 -44.68 8.88 10.23
N VAL D 145 -43.65 8.81 9.41
CA VAL D 145 -42.68 9.90 9.32
C VAL D 145 -43.40 11.18 8.89
N GLU D 146 -42.97 12.30 9.45
CA GLU D 146 -43.41 13.62 9.02
C GLU D 146 -42.84 13.92 7.63
N PRO D 147 -43.71 14.11 6.63
CA PRO D 147 -43.27 14.28 5.23
C PRO D 147 -42.27 15.41 5.03
N ALA D 148 -42.36 16.46 5.85
CA ALA D 148 -41.43 17.57 5.69
C ALA D 148 -39.99 17.13 6.00
N THR D 149 -39.83 16.06 6.78
CA THR D 149 -38.47 15.61 7.14
C THR D 149 -37.95 14.52 6.21
N ALA D 150 -38.80 14.05 5.32
CA ALA D 150 -38.39 12.98 4.38
C ALA D 150 -38.71 13.37 2.93
N PRO D 151 -38.04 14.42 2.43
CA PRO D 151 -38.38 14.91 1.09
C PRO D 151 -37.94 13.97 -0.02
N ASN D 152 -38.83 13.79 -0.98
CA ASN D 152 -38.56 13.03 -2.20
C ASN D 152 -38.09 11.59 -1.95
N PHE D 153 -38.74 10.90 -1.00
CA PHE D 153 -38.39 9.52 -0.63
C PHE D 153 -38.99 8.47 -1.60
N GLY D 154 -39.70 8.95 -2.61
CA GLY D 154 -40.29 8.08 -3.61
C GLY D 154 -41.20 7.03 -3.00
N PRO D 155 -40.95 5.76 -3.34
CA PRO D 155 -41.79 4.66 -2.85
C PRO D 155 -41.48 4.23 -1.41
N LEU D 156 -40.45 4.82 -0.79
CA LEU D 156 -40.08 4.45 0.57
C LEU D 156 -41.05 5.05 1.57
N LYS D 157 -41.72 4.18 2.33
CA LYS D 157 -42.67 4.57 3.37
C LYS D 157 -42.09 4.25 4.74
N VAL D 158 -41.71 5.28 5.49
CA VAL D 158 -40.96 5.11 6.73
C VAL D 158 -41.88 5.19 7.96
N PHE D 159 -41.77 4.16 8.80
CA PHE D 159 -42.65 4.00 9.95
C PHE D 159 -41.84 3.69 11.22
N TYR D 160 -42.09 4.48 12.27
CA TYR D 160 -41.54 4.20 13.60
C TYR D 160 -42.57 3.43 14.43
N PRO D 161 -42.30 2.17 14.73
CA PRO D 161 -43.31 1.30 15.35
C PRO D 161 -43.36 1.41 16.88
N GLY D 162 -42.41 2.15 17.45
CA GLY D 162 -42.26 2.19 18.90
C GLY D 162 -41.01 1.45 19.30
N PRO D 163 -40.59 1.61 20.56
CA PRO D 163 -39.35 0.98 21.01
C PRO D 163 -39.47 -0.54 21.04
N GLY D 164 -38.39 -1.23 20.67
CA GLY D 164 -38.39 -2.68 20.67
C GLY D 164 -36.97 -3.20 20.78
N HIS D 165 -36.37 -3.55 19.65
CA HIS D 165 -34.96 -3.94 19.59
C HIS D 165 -34.09 -2.85 20.21
N THR D 166 -34.40 -1.61 19.83
CA THR D 166 -33.82 -0.43 20.45
C THR D 166 -34.89 0.62 20.60
N SER D 167 -34.55 1.72 21.27
CA SER D 167 -35.50 2.82 21.40
C SER D 167 -35.74 3.53 20.07
N ASP D 168 -34.74 3.48 19.18
CA ASP D 168 -34.80 4.27 17.95
C ASP D 168 -35.13 3.48 16.66
N ASN D 169 -35.35 2.16 16.75
CA ASN D 169 -35.51 1.39 15.52
C ASN D 169 -36.67 1.88 14.65
N ILE D 170 -36.41 2.04 13.35
CA ILE D 170 -37.46 2.39 12.40
C ILE D 170 -37.56 1.34 11.31
N THR D 171 -38.63 1.41 10.53
CA THR D 171 -38.94 0.39 9.53
C THR D 171 -39.36 1.04 8.22
N VAL D 172 -39.27 0.30 7.13
CA VAL D 172 -39.52 0.85 5.80
C VAL D 172 -40.31 -0.11 4.91
N GLY D 173 -41.39 0.38 4.32
CA GLY D 173 -42.10 -0.39 3.31
C GLY D 173 -41.79 0.18 1.93
N ILE D 174 -41.90 -0.66 0.90
CA ILE D 174 -41.69 -0.19 -0.46
C ILE D 174 -42.99 -0.26 -1.24
N ASP D 175 -43.58 0.90 -1.50
CA ASP D 175 -44.84 0.97 -2.24
C ASP D 175 -44.70 0.36 -3.62
N GLY D 176 -45.73 -0.35 -4.04
CA GLY D 176 -45.71 -0.97 -5.36
C GLY D 176 -45.06 -2.34 -5.31
N THR D 177 -44.68 -2.78 -4.11
CA THR D 177 -44.07 -4.08 -3.95
C THR D 177 -44.70 -4.83 -2.79
N ASP D 178 -44.30 -6.08 -2.61
CA ASP D 178 -44.81 -6.87 -1.49
C ASP D 178 -43.86 -6.83 -0.31
N ILE D 179 -42.95 -5.87 -0.31
CA ILE D 179 -41.85 -5.88 0.65
C ILE D 179 -41.99 -4.87 1.80
N ALA D 180 -41.73 -5.33 3.01
CA ALA D 180 -41.59 -4.44 4.16
C ALA D 180 -40.34 -4.84 4.92
N PHE D 181 -39.59 -3.84 5.34
CA PHE D 181 -38.31 -4.06 5.99
C PHE D 181 -38.39 -3.77 7.48
N GLY D 182 -38.23 -4.80 8.30
CA GLY D 182 -38.34 -4.66 9.74
C GLY D 182 -37.02 -4.34 10.43
N GLY D 183 -35.94 -4.36 9.66
CA GLY D 183 -34.63 -4.12 10.25
C GLY D 183 -34.32 -5.17 11.30
N CYS D 184 -33.78 -4.74 12.44
CA CYS D 184 -33.40 -5.65 13.50
C CYS D 184 -34.51 -5.88 14.52
N LEU D 185 -35.64 -5.21 14.34
CA LEU D 185 -36.79 -5.41 15.22
C LEU D 185 -37.38 -6.81 15.03
N ILE D 186 -37.47 -7.23 13.77
CA ILE D 186 -38.12 -8.49 13.44
C ILE D 186 -37.10 -9.63 13.26
N LYS D 187 -37.42 -10.77 13.88
CA LYS D 187 -36.63 -12.00 13.78
C LYS D 187 -37.38 -12.96 12.87
N ASP D 188 -36.68 -13.94 12.28
CA ASP D 188 -37.33 -14.90 11.38
C ASP D 188 -38.20 -15.90 12.16
N SER D 189 -39.10 -16.55 11.44
CA SER D 189 -40.12 -17.41 12.04
C SER D 189 -39.56 -18.62 12.78
N LYS D 190 -38.26 -18.90 12.62
CA LYS D 190 -37.66 -20.02 13.32
C LYS D 190 -36.71 -19.59 14.42
N ALA D 191 -36.60 -18.28 14.66
CA ALA D 191 -35.68 -17.79 15.67
C ALA D 191 -36.03 -18.36 17.05
N LYS D 192 -34.99 -18.65 17.84
CA LYS D 192 -35.16 -19.26 19.15
C LYS D 192 -35.17 -18.22 20.27
N SER D 193 -34.80 -16.98 19.93
CA SER D 193 -34.82 -15.90 20.91
C SER D 193 -34.78 -14.53 20.22
N LEU D 194 -34.98 -13.49 21.02
CA LEU D 194 -34.99 -12.12 20.52
C LEU D 194 -33.58 -11.54 20.51
N GLY D 195 -32.64 -12.30 21.04
CA GLY D 195 -31.24 -11.91 21.09
C GLY D 195 -30.90 -10.80 22.07
N ASN D 196 -30.04 -9.89 21.64
CA ASN D 196 -29.49 -8.87 22.53
C ASN D 196 -30.57 -7.93 23.05
N LEU D 197 -30.59 -7.70 24.35
CA LEU D 197 -31.65 -6.89 24.95
C LEU D 197 -31.26 -5.70 25.83
N GLY D 198 -29.97 -5.36 25.95
CA GLY D 198 -29.60 -4.29 26.87
C GLY D 198 -30.34 -2.97 26.65
N ASP D 199 -30.38 -2.53 25.41
CA ASP D 199 -31.07 -1.29 25.03
C ASP D 199 -32.46 -1.60 24.46
N ALA D 200 -32.90 -2.84 24.65
CA ALA D 200 -34.24 -3.25 24.23
C ALA D 200 -35.30 -2.75 25.20
N ASP D 201 -36.50 -2.48 24.69
CA ASP D 201 -37.67 -2.18 25.53
C ASP D 201 -38.55 -3.43 25.58
N THR D 202 -38.39 -4.23 26.63
CA THR D 202 -39.09 -5.51 26.68
C THR D 202 -40.56 -5.36 27.02
N GLU D 203 -40.94 -4.19 27.54
CA GLU D 203 -42.35 -3.92 27.83
C GLU D 203 -43.16 -3.68 26.56
N HIS D 204 -42.55 -2.97 25.60
CA HIS D 204 -43.26 -2.54 24.39
C HIS D 204 -42.89 -3.31 23.12
N TYR D 205 -41.92 -4.22 23.22
CA TYR D 205 -41.42 -4.93 22.04
C TYR D 205 -42.55 -5.62 21.24
N ALA D 206 -43.44 -6.34 21.93
CA ALA D 206 -44.50 -7.08 21.24
C ALA D 206 -45.39 -6.12 20.45
N ALA D 207 -45.82 -5.06 21.12
CA ALA D 207 -46.71 -4.06 20.50
C ALA D 207 -46.00 -3.38 19.33
N SER D 208 -44.70 -3.17 19.47
CA SER D 208 -43.95 -2.54 18.39
C SER D 208 -43.86 -3.46 17.18
N ALA D 209 -43.62 -4.76 17.43
CA ALA D 209 -43.63 -5.72 16.35
C ALA D 209 -44.99 -5.78 15.67
N ARG D 210 -46.07 -5.79 16.46
CA ARG D 210 -47.41 -5.83 15.86
C ARG D 210 -47.75 -4.56 15.08
N ALA D 211 -47.27 -3.41 15.57
CA ALA D 211 -47.51 -2.13 14.89
C ALA D 211 -46.85 -2.11 13.51
N PHE D 212 -45.64 -2.66 13.42
CA PHE D 212 -44.96 -2.79 12.13
C PHE D 212 -45.84 -3.60 11.16
N GLY D 213 -46.34 -4.74 11.62
CA GLY D 213 -47.23 -5.58 10.83
C GLY D 213 -48.47 -4.83 10.36
N ALA D 214 -49.06 -4.06 11.28
CA ALA D 214 -50.27 -3.29 10.99
C ALA D 214 -50.02 -2.09 10.07
N ALA D 215 -48.79 -1.57 10.10
CA ALA D 215 -48.43 -0.45 9.24
C ALA D 215 -48.29 -0.89 7.78
N PHE D 216 -47.88 -2.14 7.60
CA PHE D 216 -47.70 -2.70 6.25
C PHE D 216 -48.49 -4.00 6.16
N PRO D 217 -49.83 -3.89 6.25
CA PRO D 217 -50.69 -5.05 6.46
C PRO D 217 -50.73 -6.01 5.27
N LYS D 218 -50.39 -5.54 4.09
CA LYS D 218 -50.47 -6.36 2.87
C LYS D 218 -49.11 -6.91 2.43
N ALA D 219 -48.02 -6.50 3.09
CA ALA D 219 -46.68 -6.97 2.74
C ALA D 219 -46.55 -8.47 2.95
N SER D 220 -46.10 -9.19 1.92
CA SER D 220 -46.00 -10.64 2.01
C SER D 220 -44.55 -11.11 2.12
N MET D 221 -43.62 -10.22 1.77
CA MET D 221 -42.21 -10.54 1.96
C MET D 221 -41.62 -9.66 3.05
N ILE D 222 -41.25 -10.28 4.17
CA ILE D 222 -40.68 -9.53 5.27
C ILE D 222 -39.16 -9.68 5.28
N VAL D 223 -38.49 -8.57 4.99
CA VAL D 223 -37.04 -8.48 4.96
C VAL D 223 -36.54 -7.99 6.31
N MET D 224 -35.45 -8.57 6.79
CA MET D 224 -34.91 -8.18 8.08
C MET D 224 -33.38 -8.22 8.06
N SER D 225 -32.75 -7.69 9.10
CA SER D 225 -31.31 -7.50 9.08
C SER D 225 -30.49 -8.79 9.18
N HIS D 226 -30.98 -9.78 9.93
CA HIS D 226 -30.16 -10.94 10.27
C HIS D 226 -30.77 -12.30 9.95
N SER D 227 -31.70 -12.32 9.00
CA SER D 227 -32.24 -13.57 8.47
C SER D 227 -32.62 -13.30 7.03
N ALA D 228 -32.74 -14.35 6.22
CA ALA D 228 -33.21 -14.19 4.85
C ALA D 228 -34.69 -13.78 4.86
N PRO D 229 -35.19 -13.23 3.74
CA PRO D 229 -36.60 -12.82 3.70
C PRO D 229 -37.56 -13.93 4.11
N ASP D 230 -38.61 -13.58 4.85
CA ASP D 230 -39.55 -14.56 5.39
C ASP D 230 -40.98 -14.07 5.17
N SER D 231 -41.96 -14.89 5.55
CA SER D 231 -43.36 -14.49 5.47
C SER D 231 -43.74 -13.66 6.70
N ARG D 232 -45.00 -13.25 6.77
CA ARG D 232 -45.49 -12.50 7.91
C ARG D 232 -45.41 -13.30 9.21
N ALA D 233 -45.13 -14.60 9.10
CA ALA D 233 -44.93 -15.44 10.26
C ALA D 233 -43.76 -14.95 11.13
N ALA D 234 -42.79 -14.28 10.50
CA ALA D 234 -41.67 -13.71 11.24
C ALA D 234 -42.19 -12.65 12.22
N ILE D 235 -43.17 -11.87 11.78
CA ILE D 235 -43.73 -10.81 12.62
C ILE D 235 -44.50 -11.42 13.78
N THR D 236 -45.38 -12.37 13.49
CA THR D 236 -46.20 -12.97 14.54
C THR D 236 -45.32 -13.74 15.52
N HIS D 237 -44.32 -14.43 15.01
CA HIS D 237 -43.42 -15.18 15.88
C HIS D 237 -42.56 -14.26 16.74
N THR D 238 -42.09 -13.16 16.17
CA THR D 238 -41.33 -12.19 16.95
C THR D 238 -42.19 -11.63 18.09
N ALA D 239 -43.43 -11.25 17.77
CA ALA D 239 -44.32 -10.70 18.78
C ALA D 239 -44.62 -11.72 19.87
N ARG D 240 -44.79 -12.97 19.48
CA ARG D 240 -45.06 -14.05 20.40
C ARG D 240 -43.93 -14.28 21.39
N MET D 241 -42.70 -14.27 20.92
CA MET D 241 -41.52 -14.37 21.78
C MET D 241 -41.46 -13.18 22.74
N ALA D 242 -41.80 -12.01 22.23
CA ALA D 242 -41.79 -10.79 23.04
C ALA D 242 -42.88 -10.81 24.10
N ASP D 243 -44.02 -11.44 23.79
CA ASP D 243 -45.11 -11.56 24.76
C ASP D 243 -44.63 -12.18 26.05
N LYS D 244 -43.68 -13.10 25.95
CA LYS D 244 -43.16 -13.83 27.10
C LYS D 244 -42.23 -12.97 27.96
N LEU D 245 -41.80 -11.82 27.43
CA LEU D 245 -40.86 -10.94 28.12
C LEU D 245 -41.46 -9.84 29.00
N ARG D 246 -42.75 -9.51 28.81
CA ARG D 246 -43.36 -8.44 29.59
C ARG D 246 -43.54 -8.83 31.05
ZN ZN E . -0.23 -16.38 -21.44
ZN ZN F . -0.83 -14.66 -18.20
C12 3C7 G . -1.37 -18.37 -14.49
O11 3C7 G . 1.42 -18.51 -14.88
C09 3C7 G . 0.67 -18.78 -15.84
O10 3C7 G . 1.01 -19.55 -16.76
C08 3C7 G . -0.69 -18.13 -15.84
N07 3C7 G . -1.71 -18.72 -16.70
C03 3C7 G . -2.55 -17.97 -17.62
C02 3C7 G . -1.93 -17.91 -19.01
S01 3C7 G . -0.51 -16.80 -19.09
S13 3C7 G . -2.22 -19.91 -14.66
C06 3C7 G . -2.03 -20.11 -16.40
C05 3C7 G . -3.37 -20.47 -17.03
S04 3C7 G . -4.00 -18.96 -17.68
H122 3C7 G . -0.62 -18.44 -13.69
H121 3C7 G . -2.07 -17.57 -14.26
H08 3C7 G . -0.60 -17.04 -16.03
H03 3C7 G . -2.77 -16.96 -17.25
H021 3C7 G . -2.68 -17.58 -19.72
H022 3C7 G . -1.62 -18.91 -19.30
HS01 3C7 G . -0.19 -17.08 -20.34
H06 3C7 G . -1.23 -20.80 -16.67
H052 3C7 G . -4.05 -20.88 -16.28
H051 3C7 G . -3.24 -21.20 -17.83
ZN ZN H . 12.23 20.87 12.86
ZN ZN I . 10.79 23.51 15.02
C12 3C7 J . 16.51 19.20 15.01
O11 3C7 J . 14.39 19.99 17.68
C09 3C7 J . 14.72 19.26 16.71
O10 3C7 J . 14.65 18.00 16.76
C08 3C7 J . 15.20 19.88 15.42
N07 3C7 J . 15.67 21.26 15.47
C03 3C7 J . 15.29 22.31 14.53
C02 3C7 J . 13.99 23.00 14.91
S01 3C7 J . 12.55 21.93 14.93
S13 3C7 J . 17.81 20.15 15.74
C06 3C7 J . 16.82 21.48 16.37
C05 3C7 J . 17.45 22.83 16.06
S04 3C7 J . 16.60 23.47 14.66
H122 3C7 J . 16.53 18.17 15.39
H121 3C7 J . 16.60 19.18 13.93
H08 3C7 J . 14.45 19.76 14.63
H03 3C7 J . 15.21 21.91 13.51
H021 3C7 J . 13.81 23.83 14.23
H022 3C7 J . 14.11 23.43 15.91
HS01 3C7 J . 11.70 22.84 15.41
H06 3C7 J . 16.56 21.36 17.43
H052 3C7 J . 18.51 22.72 15.84
H051 3C7 J . 17.32 23.50 16.91
ZN ZN K . 30.68 -19.64 12.19
ZN ZN L . 31.54 -22.15 9.49
C1 GOL M . 44.72 -7.29 3.06
O1 GOL M . 44.77 -7.80 1.75
C2 GOL M . 44.35 -5.82 2.96
O2 GOL M . 43.25 -5.71 2.08
C3 GOL M . 44.03 -5.23 4.33
O3 GOL M . 43.81 -3.85 4.18
H11 GOL M . 43.97 -7.81 3.65
H12 GOL M . 45.68 -7.39 3.56
HO1 GOL M . 45.07 -8.73 1.78
H2 GOL M . 45.20 -5.28 2.54
HO2 GOL M . 42.48 -6.18 2.47
H31 GOL M . 43.13 -5.72 4.73
H32 GOL M . 44.86 -5.42 5.01
HO3 GOL M . 43.78 -3.43 5.07
C12 3C7 N . 32.24 -21.53 16.59
O11 3C7 N . 34.80 -20.91 15.84
C09 3C7 N . 34.22 -21.77 15.19
O10 3C7 N . 34.81 -22.63 14.57
C08 3C7 N . 32.73 -21.70 15.15
N07 3C7 N . 31.96 -22.87 14.83
C03 3C7 N . 30.73 -22.85 14.02
C02 3C7 N . 30.92 -23.00 12.52
S01 3C7 N . 31.94 -21.71 11.93
S13 3C7 N . 32.14 -23.13 17.29
C06 3C7 N . 32.24 -23.98 15.75
C05 3C7 N . 31.11 -24.97 15.52
S04 3C7 N . 29.78 -24.09 14.88
H122 3C7 N . 32.95 -20.91 17.15
H121 3C7 N . 31.27 -21.04 16.60
H08 3C7 N . 32.40 -20.85 14.54
H03 3C7 N . 30.25 -21.88 14.18
H021 3C7 N . 29.94 -22.96 12.02
H022 3C7 N . 31.37 -23.96 12.29
HS01 3C7 N . 32.01 -22.15 10.67
H06 3C7 N . 33.22 -24.44 15.56
H052 3C7 N . 30.83 -25.44 16.46
H051 3C7 N . 31.42 -25.74 14.82
ZN ZN O . -28.75 -5.63 13.50
ZN ZN P . -29.33 -3.25 16.35
C1 GOL Q . -48.66 -8.98 13.33
O1 GOL Q . -49.33 -8.52 14.48
C2 GOL Q . -49.61 -8.97 12.14
O2 GOL Q . -49.56 -7.71 11.50
C3 GOL Q . -49.18 -10.09 11.19
O3 GOL Q . -49.94 -10.07 10.02
H11 GOL Q . -47.80 -8.35 13.12
H12 GOL Q . -48.31 -10.00 13.50
HO1 GOL Q . -48.74 -8.59 15.25
H2 GOL Q . -50.62 -9.17 12.49
HO2 GOL Q . -48.64 -7.54 11.20
H31 GOL Q . -48.13 -9.96 10.94
H32 GOL Q . -49.29 -11.05 11.69
HO3 GOL Q . -49.63 -10.78 9.41
C12 3C7 R . -26.05 -9.75 15.30
O11 3C7 R . -28.18 -8.68 17.85
C09 3C7 R . -28.00 -9.23 16.75
O10 3C7 R . -28.60 -10.27 16.39
C08 3C7 R . -27.02 -8.64 15.77
N07 3C7 R . -26.05 -7.69 16.30
C03 3C7 R . -25.75 -6.38 15.70
C02 3C7 R . -26.61 -5.25 16.24
S01 3C7 R . -28.38 -5.34 15.85
S13 3C7 R . -24.72 -9.70 16.47
C06 3C7 R . -25.19 -8.23 17.33
C05 3C7 R . -24.00 -7.30 17.54
S04 3C7 R . -24.10 -6.10 16.26
H122 3C7 R . -26.53 -10.72 15.32
H121 3C7 R . -25.68 -9.55 14.29
H08 3C7 R . -27.53 -8.23 14.89
H03 3C7 R . -25.80 -6.42 14.60
H021 3C7 R . -26.23 -4.30 15.84
H022 3C7 R . -26.50 -5.20 17.32
HS01 3C7 R . -28.74 -4.28 16.57
H06 3C7 R . -25.73 -8.44 18.26
H052 3C7 R . -23.07 -7.84 17.48
H051 3C7 R . -24.07 -6.81 18.53
#